data_4U7P
#
_entry.id   4U7P
#
_cell.length_a   252.031
_cell.length_b   252.031
_cell.length_c   75.336
_cell.angle_alpha   90.000
_cell.angle_beta   90.000
_cell.angle_gamma   120.000
#
_symmetry.space_group_name_H-M   'P 63 2 2'
#
loop_
_entity.id
_entity.type
_entity.pdbx_description
1 polymer 'DNA (cytosine-5)-methyltransferase 3A'
2 polymer 'DNA (cytosine-5)-methyltransferase 3-like'
3 non-polymer 'ZINC ION'
4 non-polymer S-ADENOSYL-L-HOMOCYSTEINE
#
loop_
_entity_poly.entity_id
_entity_poly.type
_entity_poly.pdbx_seq_one_letter_code
_entity_poly.pdbx_strand_id
1 'polypeptide(L)'
;GPLGSPEFKKPRKSTAEKPKVKEIIDERTRERLVYEVRQKCRNIEDICISCGSLNVTLEHPLFVGGMCQNCKNCFLECAY
QYDDDGYQSYCTICCGGREVLMCGNNNCCRCFCVECVDLLVGPGAAQAAIKEDPWNCYMCGHKGTYGLLRRREDWPSRLQ
MFFANNHDQEFDPPKVYPPVPAEKRKPIRVLSLFDGIATGLLVLKDLGIQVDRYIASEVCEDSITVGMVRHQGKIMYVGD
VRSVTQKHIQEWGPFDLVIGGSPCNDLSIVNPARKGLYEGTGRLFFEFYRLLHDARPKEGDDRPFFWLFENVVAMGVSDK
RDISRFLESNPVMIDAKEVSAAHRARYFWGNLPGMNRPLASTVNDKLELQECLEHGRIAKFSKVRTITTRSNSIKQGKDQ
HFPVFMNEKEDILWCTEMERVFGFPVHYTDVSNMSRLARQRLLGRSWSVPVIRHLFAPLKEYFACV
;
A
2 'polypeptide(L)'
;GPLGSEFMFETVPVWRRQPVRVLSLFEDIKKELTSLGFLESGSDPGQLKHVVDVTDTVRKDVEEWGPFDLVYGATPPLGH
TCDRPPSWYLFQFHRLLQYARPKPGSPRPFFWMFVDNLVLNKEDLDVASRFLEMEPVTIPDVHGGSLQNAVRVWSNIPAI
RSRHWALVSEEELSLLAQNKQSSKLAAKWPTKLVKNCFLPLREYFKYFS
;
B
#
loop_
_chem_comp.id
_chem_comp.type
_chem_comp.name
_chem_comp.formula
ZN non-polymer 'ZINC ION' 'Zn 2'
#
# COMPACT_ATOMS: atom_id res chain seq x y z
N ARG A 28 3.21 14.24 35.07
CA ARG A 28 4.65 14.01 35.15
C ARG A 28 4.99 12.81 36.05
N THR A 29 4.37 11.67 35.79
CA THR A 29 4.63 10.48 36.57
C THR A 29 6.01 9.92 36.25
N ARG A 30 6.35 9.91 34.95
CA ARG A 30 7.61 9.31 34.50
C ARG A 30 8.84 10.03 35.04
N GLU A 31 8.82 11.37 35.00
CA GLU A 31 9.94 12.18 35.47
C GLU A 31 10.23 11.91 36.95
N ARG A 32 9.17 11.95 37.76
CA ARG A 32 9.30 11.73 39.20
C ARG A 32 9.69 10.29 39.53
N LEU A 33 9.16 9.33 38.77
CA LEU A 33 9.47 7.93 38.99
C LEU A 33 10.92 7.58 38.65
N VAL A 34 11.42 8.12 37.53
CA VAL A 34 12.82 7.95 37.18
C VAL A 34 13.70 8.67 38.19
N TYR A 35 13.24 9.83 38.65
CA TYR A 35 13.97 10.59 39.66
C TYR A 35 14.10 9.81 40.97
N GLU A 36 13.07 9.04 41.31
CA GLU A 36 13.13 8.22 42.52
C GLU A 36 13.80 6.88 42.25
N VAL A 37 14.04 6.58 40.98
CA VAL A 37 14.90 5.44 40.61
C VAL A 37 16.36 5.81 40.82
N ARG A 38 16.71 7.04 40.46
CA ARG A 38 18.08 7.53 40.61
C ARG A 38 18.48 7.71 42.08
N GLN A 39 17.50 8.00 42.94
CA GLN A 39 17.76 8.18 44.36
C GLN A 39 17.85 6.85 45.11
N LYS A 40 17.76 5.75 44.37
CA LYS A 40 17.85 4.39 44.92
C LYS A 40 16.75 4.06 45.93
N CYS A 41 15.58 4.67 45.78
CA CYS A 41 14.44 4.34 46.61
C CYS A 41 13.57 3.26 45.96
N ARG A 42 13.92 2.90 44.72
CA ARG A 42 13.17 1.89 43.97
C ARG A 42 14.08 1.16 42.98
N ASN A 43 13.83 -0.11 42.76
CA ASN A 43 14.65 -0.88 41.82
C ASN A 43 14.19 -0.66 40.38
N ILE A 44 15.16 -0.56 39.48
CA ILE A 44 14.87 -0.31 38.06
C ILE A 44 14.24 -1.55 37.42
N GLU A 45 14.38 -2.68 38.09
CA GLU A 45 13.89 -3.95 37.55
C GLU A 45 12.41 -4.19 37.85
N ASP A 46 11.82 -3.35 38.71
CA ASP A 46 10.42 -3.49 39.06
C ASP A 46 9.53 -2.45 38.40
N ILE A 47 10.14 -1.57 37.62
CA ILE A 47 9.38 -0.59 36.86
C ILE A 47 9.53 -0.89 35.38
N CYS A 48 8.64 -0.33 34.58
CA CYS A 48 8.78 -0.40 33.13
C CYS A 48 9.61 0.80 32.68
N ILE A 49 10.79 0.53 32.11
CA ILE A 49 11.70 1.61 31.75
C ILE A 49 11.20 2.40 30.53
N SER A 50 10.11 1.91 29.93
CA SER A 50 9.51 2.59 28.80
C SER A 50 8.53 3.68 29.28
N CYS A 51 7.37 3.27 29.79
CA CYS A 51 6.36 4.25 30.21
C CYS A 51 6.35 4.57 31.71
N GLY A 52 7.17 3.87 32.48
CA GLY A 52 7.25 4.10 33.91
C GLY A 52 6.21 3.36 34.73
N SER A 53 5.45 2.48 34.09
CA SER A 53 4.44 1.70 34.80
C SER A 53 5.10 0.67 35.70
N LEU A 54 4.40 0.28 36.76
CA LEU A 54 4.90 -0.74 37.66
C LEU A 54 4.39 -2.12 37.28
N ASN A 55 3.53 -2.18 36.25
CA ASN A 55 2.96 -3.44 35.80
C ASN A 55 3.91 -4.23 34.91
N VAL A 56 5.07 -4.57 35.44
CA VAL A 56 6.08 -5.32 34.70
C VAL A 56 5.60 -6.73 34.32
N THR A 57 5.44 -6.97 33.03
CA THR A 57 4.98 -8.27 32.54
C THR A 57 6.12 -9.08 31.92
N LEU A 58 7.15 -8.39 31.44
CA LEU A 58 8.28 -9.04 30.78
C LEU A 58 9.58 -8.27 30.99
N GLU A 59 10.71 -8.93 30.74
CA GLU A 59 12.00 -8.26 30.81
C GLU A 59 12.36 -7.67 29.44
N HIS A 60 12.64 -6.37 29.44
CA HIS A 60 13.02 -5.64 28.22
C HIS A 60 14.20 -6.30 27.54
N PRO A 61 14.04 -6.63 26.24
CA PRO A 61 15.07 -7.35 25.47
C PRO A 61 16.41 -6.61 25.37
N LEU A 62 16.36 -5.30 25.16
CA LEU A 62 17.59 -4.54 24.92
C LEU A 62 18.38 -4.14 26.19
N PHE A 63 17.67 -3.67 27.22
CA PHE A 63 18.34 -3.16 28.42
C PHE A 63 17.85 -3.81 29.71
N VAL A 64 18.61 -3.65 30.78
CA VAL A 64 18.21 -4.17 32.10
C VAL A 64 17.04 -3.37 32.64
N GLY A 65 15.96 -4.06 32.97
CA GLY A 65 14.73 -3.42 33.43
C GLY A 65 13.51 -4.16 32.92
N GLY A 66 12.36 -3.90 33.54
CA GLY A 66 11.13 -4.58 33.18
C GLY A 66 10.39 -3.91 32.04
N MET A 67 9.37 -4.60 31.53
CA MET A 67 8.53 -4.06 30.47
C MET A 67 7.11 -4.59 30.59
N CYS A 68 6.13 -3.71 30.43
CA CYS A 68 4.72 -4.08 30.56
C CYS A 68 4.15 -4.63 29.26
N GLN A 69 2.89 -5.05 29.29
CA GLN A 69 2.25 -5.57 28.09
C GLN A 69 1.94 -4.46 27.08
N ASN A 70 1.54 -3.29 27.56
CA ASN A 70 1.28 -2.15 26.69
C ASN A 70 2.51 -1.69 25.91
N CYS A 71 3.67 -1.78 26.54
CA CYS A 71 4.92 -1.38 25.90
C CYS A 71 5.48 -2.49 25.02
N LYS A 72 5.09 -3.71 25.31
CA LYS A 72 5.46 -4.84 24.46
C LYS A 72 4.70 -4.73 23.15
N ASN A 73 3.40 -4.47 23.25
CA ASN A 73 2.58 -4.24 22.06
C ASN A 73 2.99 -2.96 21.33
N CYS A 74 3.31 -1.92 22.11
CA CYS A 74 3.80 -0.68 21.54
C CYS A 74 5.08 -0.93 20.75
N PHE A 75 6.00 -1.71 21.31
CA PHE A 75 7.26 -2.04 20.64
C PHE A 75 6.99 -2.83 19.36
N LEU A 76 6.20 -3.89 19.48
CA LEU A 76 5.92 -4.78 18.36
C LEU A 76 5.21 -4.09 17.19
N GLU A 77 4.29 -3.20 17.50
CA GLU A 77 3.53 -2.50 16.47
C GLU A 77 4.30 -1.31 15.90
N CYS A 78 4.86 -0.50 16.78
CA CYS A 78 5.51 0.75 16.39
C CYS A 78 6.93 0.56 15.85
N ALA A 79 7.50 -0.63 16.03
CA ALA A 79 8.81 -0.91 15.45
C ALA A 79 8.73 -0.84 13.93
N TYR A 80 7.57 -1.20 13.39
CA TYR A 80 7.37 -1.14 11.95
C TYR A 80 6.44 0.02 11.57
N GLN A 81 5.61 0.45 12.51
CA GLN A 81 4.75 1.62 12.28
C GLN A 81 5.57 2.89 12.09
N TYR A 82 6.65 3.00 12.86
CA TYR A 82 7.38 4.26 12.95
C TYR A 82 8.55 4.44 11.99
N ASP A 83 8.78 3.51 11.06
CA ASP A 83 9.96 3.64 10.22
C ASP A 83 9.78 4.82 9.27
N ASP A 84 10.62 5.84 9.44
CA ASP A 84 10.70 7.00 8.55
C ASP A 84 11.59 6.72 7.34
N ASP A 85 11.47 7.50 6.28
CA ASP A 85 12.39 7.33 5.17
C ASP A 85 13.84 7.51 5.61
N GLY A 86 14.66 6.49 5.38
CA GLY A 86 16.08 6.52 5.70
C GLY A 86 16.49 6.07 7.10
N TYR A 87 15.58 6.19 8.05
CA TYR A 87 15.83 5.81 9.44
C TYR A 87 14.63 5.05 10.00
N GLN A 88 14.67 4.64 11.26
CA GLN A 88 13.48 3.99 11.83
C GLN A 88 12.66 4.92 12.76
N SER A 89 13.23 6.09 13.06
CA SER A 89 12.58 7.25 13.73
C SER A 89 12.10 7.03 15.19
N TYR A 90 11.86 5.77 15.55
CA TYR A 90 11.73 5.27 16.94
C TYR A 90 10.93 6.27 17.86
N CYS A 91 11.27 6.67 19.11
CA CYS A 91 12.36 6.27 20.01
C CYS A 91 12.35 4.81 20.43
N THR A 92 13.53 4.23 20.54
CA THR A 92 13.69 2.81 20.85
C THR A 92 13.12 2.48 22.23
N ILE A 93 13.27 3.43 23.16
CA ILE A 93 12.86 3.23 24.54
C ILE A 93 11.35 3.37 24.75
N CYS A 94 10.83 4.59 24.61
CA CYS A 94 9.43 4.86 24.93
C CYS A 94 8.50 4.81 23.72
N CYS A 95 9.08 4.57 22.54
CA CYS A 95 8.36 4.56 21.27
C CYS A 95 7.68 5.91 21.02
N GLY A 96 8.17 6.92 21.72
CA GLY A 96 7.73 8.29 21.58
C GLY A 96 8.82 9.15 20.98
N GLY A 97 8.80 10.42 21.33
CA GLY A 97 9.91 11.32 21.09
C GLY A 97 9.79 12.30 19.95
N ARG A 98 10.41 13.47 20.14
CA ARG A 98 10.43 14.52 19.16
C ARG A 98 11.84 14.68 18.60
N GLU A 99 12.73 15.23 19.41
CA GLU A 99 14.13 15.38 19.03
C GLU A 99 14.90 14.11 19.38
N VAL A 100 15.59 13.54 18.41
CA VAL A 100 16.25 12.26 18.60
C VAL A 100 17.70 12.27 18.13
N LEU A 101 18.52 11.41 18.73
CA LEU A 101 19.89 11.20 18.29
C LEU A 101 19.92 10.01 17.33
N MET A 102 20.60 10.19 16.21
CA MET A 102 20.56 9.22 15.13
C MET A 102 21.89 8.49 14.95
N CYS A 103 21.80 7.16 14.88
CA CYS A 103 22.97 6.29 14.76
C CYS A 103 23.63 6.41 13.39
N GLY A 104 24.96 6.29 13.37
CA GLY A 104 25.72 6.37 12.14
C GLY A 104 26.10 5.02 11.57
N ASN A 105 25.88 3.96 12.35
CA ASN A 105 26.08 2.60 11.87
C ASN A 105 25.02 2.25 10.84
N ASN A 106 25.44 1.83 9.65
CA ASN A 106 24.50 1.59 8.56
C ASN A 106 23.83 0.22 8.62
N ASN A 107 24.29 -0.64 9.52
CA ASN A 107 23.66 -1.94 9.77
C ASN A 107 22.69 -1.93 10.95
N CYS A 108 22.53 -0.77 11.57
CA CYS A 108 21.75 -0.62 12.79
C CYS A 108 20.58 0.34 12.61
N CYS A 109 20.90 1.64 12.48
CA CYS A 109 19.92 2.69 12.22
C CYS A 109 18.88 2.89 13.34
N ARG A 110 19.28 2.64 14.58
CA ARG A 110 18.44 2.92 15.74
C ARG A 110 18.56 4.39 16.14
N CYS A 111 17.60 4.88 16.91
CA CYS A 111 17.66 6.26 17.38
C CYS A 111 17.24 6.34 18.85
N PHE A 112 17.77 7.33 19.57
CA PHE A 112 17.43 7.49 20.98
C PHE A 112 17.08 8.95 21.29
N CYS A 113 15.86 9.18 21.75
CA CYS A 113 15.39 10.54 22.00
C CYS A 113 16.22 11.25 23.06
N VAL A 114 16.15 12.57 23.08
CA VAL A 114 16.92 13.37 24.01
C VAL A 114 16.33 13.31 25.42
N GLU A 115 15.00 13.26 25.51
CA GLU A 115 14.31 13.23 26.80
C GLU A 115 14.66 11.98 27.61
N CYS A 116 14.72 10.82 26.95
CA CYS A 116 15.07 9.56 27.62
C CYS A 116 16.53 9.54 28.11
N VAL A 117 17.45 10.11 27.31
CA VAL A 117 18.86 10.17 27.68
C VAL A 117 19.08 11.13 28.87
N ASP A 118 18.43 12.29 28.85
CA ASP A 118 18.54 13.23 29.97
C ASP A 118 17.85 12.72 31.24
N LEU A 119 16.81 11.91 31.07
CA LEU A 119 16.04 11.43 32.21
C LEU A 119 16.68 10.21 32.89
N LEU A 120 16.98 9.18 32.10
CA LEU A 120 17.45 7.92 32.63
C LEU A 120 18.97 7.89 32.89
N VAL A 121 19.75 8.35 31.92
CA VAL A 121 21.20 8.36 32.06
C VAL A 121 21.63 9.44 33.06
N GLY A 122 21.32 10.69 32.74
CA GLY A 122 21.60 11.80 33.63
C GLY A 122 21.51 13.15 32.95
N PRO A 123 21.46 14.24 33.74
CA PRO A 123 21.42 15.60 33.18
C PRO A 123 22.68 15.93 32.37
N GLY A 124 22.49 16.44 31.16
CA GLY A 124 23.60 16.85 30.32
C GLY A 124 24.23 15.70 29.55
N ALA A 125 23.73 14.48 29.77
CA ALA A 125 24.27 13.30 29.10
C ALA A 125 23.93 13.33 27.61
N ALA A 126 22.85 14.04 27.26
CA ALA A 126 22.47 14.20 25.87
C ALA A 126 23.47 15.09 25.14
N GLN A 127 23.85 16.18 25.79
CA GLN A 127 24.85 17.10 25.24
C GLN A 127 26.23 16.46 25.24
N ALA A 128 26.39 15.42 26.05
CA ALA A 128 27.61 14.62 26.06
C ALA A 128 27.60 13.66 24.88
N ALA A 129 26.42 13.14 24.55
CA ALA A 129 26.24 12.23 23.42
C ALA A 129 26.46 12.96 22.09
N ILE A 130 25.85 14.13 21.95
CA ILE A 130 26.05 14.97 20.78
C ILE A 130 27.48 15.52 20.81
N LYS A 131 27.90 16.19 19.73
CA LYS A 131 29.28 16.60 19.41
C LYS A 131 30.00 15.42 18.79
N GLU A 132 29.32 14.28 18.75
CA GLU A 132 29.85 13.12 18.04
C GLU A 132 29.23 13.12 16.64
N ASP A 133 30.05 13.45 15.64
CA ASP A 133 29.58 13.50 14.25
C ASP A 133 29.30 12.09 13.72
N PRO A 134 30.25 11.15 13.89
CA PRO A 134 29.85 9.75 13.65
C PRO A 134 29.33 9.11 14.93
N TRP A 135 28.08 9.40 15.29
CA TRP A 135 27.54 8.95 16.58
C TRP A 135 26.94 7.54 16.52
N ASN A 136 27.55 6.64 17.29
CA ASN A 136 27.00 5.30 17.48
C ASN A 136 26.07 5.28 18.69
N CYS A 137 24.92 4.64 18.56
CA CYS A 137 23.95 4.61 19.65
C CYS A 137 24.43 3.69 20.77
N TYR A 138 23.60 3.57 21.81
CA TYR A 138 24.00 2.80 22.99
C TYR A 138 23.98 1.28 22.73
N MET A 139 23.33 0.87 21.65
CA MET A 139 23.32 -0.52 21.24
C MET A 139 24.60 -0.90 20.47
N CYS A 140 25.09 0.02 19.65
CA CYS A 140 26.28 -0.21 18.82
C CYS A 140 27.58 0.11 19.54
N GLY A 141 27.48 0.82 20.68
CA GLY A 141 28.65 1.32 21.38
C GLY A 141 29.54 0.26 22.01
N HIS A 142 30.79 0.62 22.26
CA HIS A 142 31.74 -0.29 22.89
C HIS A 142 31.29 -0.66 24.30
N LYS A 143 30.95 0.37 25.09
CA LYS A 143 30.43 0.16 26.42
C LYS A 143 28.97 -0.30 26.40
N GLY A 144 28.59 -1.08 27.40
CA GLY A 144 27.20 -1.46 27.57
C GLY A 144 26.55 -0.65 28.68
N THR A 145 27.37 0.12 29.38
CA THR A 145 26.89 0.90 30.52
C THR A 145 27.04 2.41 30.29
N TYR A 146 25.91 3.11 30.22
CA TYR A 146 25.93 4.55 30.12
C TYR A 146 25.04 5.16 31.19
N GLY A 147 25.65 5.83 32.17
CA GLY A 147 24.90 6.35 33.31
C GLY A 147 24.18 5.24 34.07
N LEU A 148 22.88 5.38 34.22
CA LEU A 148 22.05 4.36 34.85
C LEU A 148 21.52 3.36 33.81
N LEU A 149 21.85 3.62 32.55
CA LEU A 149 21.40 2.78 31.43
C LEU A 149 22.39 1.65 31.16
N ARG A 150 21.91 0.40 31.23
CA ARG A 150 22.77 -0.76 31.09
C ARG A 150 22.21 -1.78 30.09
N ARG A 151 22.98 -2.07 29.05
CA ARG A 151 22.57 -2.99 27.99
C ARG A 151 22.72 -4.45 28.39
N ARG A 152 21.73 -5.27 28.09
CA ARG A 152 21.79 -6.70 28.36
C ARG A 152 22.77 -7.38 27.41
N GLU A 153 23.55 -8.31 27.92
CA GLU A 153 24.57 -9.01 27.14
C GLU A 153 23.95 -9.98 26.14
N ASP A 154 22.69 -10.35 26.38
CA ASP A 154 22.00 -11.33 25.56
C ASP A 154 20.85 -10.73 24.78
N TRP A 155 21.04 -9.52 24.25
CA TRP A 155 19.95 -8.80 23.59
C TRP A 155 19.51 -9.30 22.19
N PRO A 156 20.43 -9.87 21.38
CA PRO A 156 19.93 -10.37 20.08
C PRO A 156 18.84 -11.45 20.20
N SER A 157 19.10 -12.49 20.99
CA SER A 157 18.14 -13.58 21.16
C SER A 157 16.90 -13.14 21.95
N ARG A 158 17.06 -12.12 22.80
CA ARG A 158 15.94 -11.55 23.55
C ARG A 158 14.99 -10.81 22.60
N LEU A 159 15.57 -10.13 21.60
CA LEU A 159 14.76 -9.54 20.54
C LEU A 159 14.15 -10.65 19.68
N GLN A 160 14.89 -11.75 19.53
CA GLN A 160 14.43 -12.91 18.76
C GLN A 160 13.17 -13.55 19.33
N MET A 161 13.09 -13.66 20.65
CA MET A 161 11.90 -14.21 21.29
C MET A 161 10.82 -13.14 21.47
N PHE A 162 11.23 -11.92 21.78
CA PHE A 162 10.29 -10.79 21.93
C PHE A 162 9.46 -10.60 20.67
N PHE A 163 10.14 -10.66 19.53
CA PHE A 163 9.51 -10.53 18.22
C PHE A 163 9.01 -11.88 17.68
N ALA A 164 8.22 -12.58 18.48
CA ALA A 164 7.64 -13.85 18.04
C ALA A 164 6.13 -13.75 17.97
N ASN A 165 5.57 -12.72 18.60
CA ASN A 165 4.13 -12.46 18.53
C ASN A 165 3.76 -11.65 17.30
N ASN A 166 4.78 -11.15 16.60
CA ASN A 166 4.56 -10.29 15.45
C ASN A 166 5.54 -10.53 14.29
N HIS A 167 5.35 -9.76 13.22
CA HIS A 167 6.14 -9.73 11.97
C HIS A 167 6.20 -11.08 11.24
N ASP A 168 5.25 -11.98 11.53
CA ASP A 168 5.12 -13.22 10.78
C ASP A 168 4.04 -13.03 9.74
N GLN A 169 3.37 -11.89 9.81
CA GLN A 169 2.30 -11.51 8.91
C GLN A 169 2.87 -10.67 7.78
N GLU A 170 4.19 -10.56 7.75
CA GLU A 170 4.88 -9.67 6.85
C GLU A 170 6.19 -10.30 6.37
N PHE A 171 7.01 -9.48 5.74
CA PHE A 171 8.33 -9.86 5.21
C PHE A 171 8.27 -10.83 4.01
N ASP A 172 7.22 -10.69 3.18
CA ASP A 172 7.22 -11.21 1.80
C ASP A 172 7.60 -12.69 1.64
N PRO A 173 6.66 -13.61 1.90
CA PRO A 173 6.81 -15.05 1.65
C PRO A 173 6.65 -15.42 0.15
N PRO A 174 7.75 -15.34 -0.64
CA PRO A 174 7.67 -15.40 -2.10
C PRO A 174 7.43 -16.81 -2.64
N LYS A 175 6.82 -16.91 -3.82
CA LYS A 175 6.62 -18.20 -4.47
C LYS A 175 7.12 -18.13 -5.91
N VAL A 176 7.56 -19.26 -6.44
CA VAL A 176 8.48 -19.23 -7.59
C VAL A 176 7.96 -19.82 -8.90
N TYR A 177 8.61 -19.43 -10.00
CA TYR A 177 8.28 -19.92 -11.34
C TYR A 177 9.43 -20.80 -11.84
N PRO A 178 9.09 -21.81 -12.66
CA PRO A 178 10.07 -22.68 -13.34
C PRO A 178 10.84 -21.98 -14.44
N PRO A 179 12.17 -22.19 -14.48
CA PRO A 179 13.08 -21.53 -15.43
C PRO A 179 12.81 -21.91 -16.88
N VAL A 180 13.37 -21.12 -17.80
CA VAL A 180 13.13 -21.32 -19.21
C VAL A 180 14.44 -21.48 -19.97
N PRO A 181 14.47 -22.40 -20.96
CA PRO A 181 15.59 -22.60 -21.87
C PRO A 181 15.86 -21.42 -22.80
N ALA A 182 17.12 -21.21 -23.13
CA ALA A 182 17.58 -20.11 -23.96
C ALA A 182 16.83 -20.04 -25.29
N GLU A 183 16.82 -21.13 -26.03
CA GLU A 183 16.07 -21.19 -27.27
C GLU A 183 14.81 -22.02 -27.09
N LYS A 184 13.66 -21.35 -27.16
CA LYS A 184 13.61 -19.92 -27.39
C LYS A 184 13.11 -19.18 -26.15
N ARG A 185 13.54 -17.92 -26.01
CA ARG A 185 13.11 -17.06 -24.91
C ARG A 185 12.82 -15.67 -25.45
N LYS A 186 11.59 -15.21 -25.29
CA LYS A 186 11.16 -13.99 -25.97
C LYS A 186 11.52 -12.72 -25.20
N PRO A 187 11.59 -11.57 -25.92
CA PRO A 187 11.73 -10.24 -25.32
C PRO A 187 10.60 -9.90 -24.36
N ILE A 188 10.92 -9.12 -23.33
CA ILE A 188 9.95 -8.83 -22.29
C ILE A 188 8.93 -7.79 -22.75
N ARG A 189 7.70 -7.94 -22.27
CA ARG A 189 6.64 -6.97 -22.51
C ARG A 189 6.22 -6.33 -21.19
N VAL A 190 6.40 -5.01 -21.11
CA VAL A 190 6.25 -4.32 -19.84
C VAL A 190 5.24 -3.18 -19.84
N LEU A 191 4.42 -3.19 -18.79
CA LEU A 191 3.41 -2.17 -18.53
C LEU A 191 3.79 -1.36 -17.30
N SER A 192 3.91 -0.04 -17.47
CA SER A 192 4.31 0.85 -16.38
C SER A 192 3.22 1.83 -16.00
N LEU A 193 2.67 1.64 -14.80
CA LEU A 193 1.67 2.55 -14.25
C LEU A 193 2.36 3.55 -13.34
N PHE A 194 2.05 4.84 -13.52
CA PHE A 194 2.80 5.90 -12.86
C PHE A 194 4.29 5.74 -13.15
N ASP A 195 4.68 6.02 -14.39
CA ASP A 195 6.06 5.83 -14.83
C ASP A 195 6.98 6.94 -14.33
N GLY A 196 6.56 8.18 -14.53
CA GLY A 196 7.40 9.33 -14.23
C GLY A 196 8.61 9.35 -15.14
N ILE A 197 9.78 9.59 -14.56
CA ILE A 197 11.03 9.42 -15.28
C ILE A 197 11.21 7.94 -15.59
N ALA A 198 11.55 7.62 -16.83
CA ALA A 198 11.58 6.23 -17.29
C ALA A 198 12.62 5.37 -16.57
N THR A 199 12.48 5.24 -15.25
CA THR A 199 13.42 4.47 -14.44
C THR A 199 13.41 3.01 -14.87
N GLY A 200 12.22 2.51 -15.15
CA GLY A 200 12.04 1.11 -15.46
C GLY A 200 12.70 0.71 -16.76
N LEU A 201 12.43 1.48 -17.82
CA LEU A 201 13.01 1.18 -19.11
C LEU A 201 14.52 1.40 -19.09
N LEU A 202 14.97 2.34 -18.26
CA LEU A 202 16.40 2.58 -18.13
C LEU A 202 17.08 1.39 -17.49
N VAL A 203 16.61 0.98 -16.30
CA VAL A 203 17.17 -0.17 -15.60
C VAL A 203 17.06 -1.43 -16.45
N LEU A 204 16.04 -1.47 -17.29
CA LEU A 204 15.86 -2.59 -18.19
C LEU A 204 16.97 -2.60 -19.26
N LYS A 205 17.14 -1.48 -19.97
CA LYS A 205 18.14 -1.39 -21.03
C LYS A 205 19.55 -1.59 -20.48
N ASP A 206 19.78 -1.08 -19.29
CA ASP A 206 21.05 -1.21 -18.58
C ASP A 206 21.28 -2.68 -18.19
N LEU A 207 20.21 -3.37 -17.81
CA LEU A 207 20.29 -4.79 -17.47
C LEU A 207 20.59 -5.62 -18.73
N GLY A 208 20.43 -4.99 -19.89
CA GLY A 208 20.79 -5.59 -21.16
C GLY A 208 19.80 -6.60 -21.70
N ILE A 209 18.52 -6.39 -21.42
CA ILE A 209 17.50 -7.29 -21.90
C ILE A 209 16.62 -6.60 -22.94
N GLN A 210 16.27 -7.36 -23.97
CA GLN A 210 15.42 -6.87 -25.04
C GLN A 210 14.05 -6.48 -24.49
N VAL A 211 13.52 -5.35 -24.94
CA VAL A 211 12.18 -4.95 -24.56
C VAL A 211 11.29 -4.82 -25.80
N ASP A 212 10.31 -5.71 -25.89
CA ASP A 212 9.37 -5.75 -27.01
C ASP A 212 8.41 -4.56 -27.00
N ARG A 213 7.72 -4.39 -25.87
CA ARG A 213 6.77 -3.30 -25.70
C ARG A 213 6.87 -2.69 -24.31
N TYR A 214 7.12 -1.39 -24.27
CA TYR A 214 7.11 -0.64 -23.02
C TYR A 214 6.00 0.40 -23.05
N ILE A 215 4.81 0.00 -22.58
CA ILE A 215 3.67 0.90 -22.50
C ILE A 215 3.55 1.43 -21.09
N ALA A 216 3.59 2.76 -20.96
CA ALA A 216 3.57 3.41 -19.65
C ALA A 216 2.52 4.51 -19.55
N SER A 217 1.95 4.62 -18.35
CA SER A 217 0.91 5.60 -18.06
C SER A 217 1.43 6.69 -17.14
N GLU A 218 1.58 7.89 -17.68
CA GLU A 218 2.12 9.01 -16.91
C GLU A 218 1.41 10.32 -17.26
N VAL A 219 1.32 11.23 -16.29
CA VAL A 219 0.63 12.48 -16.47
C VAL A 219 1.58 13.66 -16.63
N CYS A 220 2.38 13.92 -15.59
CA CYS A 220 3.33 15.05 -15.54
C CYS A 220 4.13 15.19 -16.82
N GLU A 221 3.79 16.22 -17.60
CA GLU A 221 4.34 16.36 -18.94
C GLU A 221 5.87 16.37 -18.99
N ASP A 222 6.49 16.91 -17.95
CA ASP A 222 7.95 16.91 -17.87
C ASP A 222 8.46 15.47 -17.92
N SER A 223 7.91 14.63 -17.05
CA SER A 223 8.29 13.22 -16.98
C SER A 223 8.17 12.57 -18.36
N ILE A 224 7.04 12.86 -19.01
CA ILE A 224 6.77 12.37 -20.35
C ILE A 224 7.88 12.77 -21.32
N THR A 225 8.25 14.05 -21.34
CA THR A 225 9.26 14.55 -22.28
C THR A 225 10.62 13.88 -22.02
N VAL A 226 10.99 13.79 -20.74
CA VAL A 226 12.17 13.04 -20.34
C VAL A 226 12.19 11.68 -20.99
N GLY A 227 11.07 10.96 -20.91
CA GLY A 227 10.96 9.65 -21.54
C GLY A 227 11.07 9.63 -23.05
N MET A 228 10.34 10.52 -23.71
CA MET A 228 10.34 10.63 -25.16
C MET A 228 11.71 10.98 -25.71
N VAL A 229 12.57 11.53 -24.86
CA VAL A 229 13.92 11.86 -25.31
C VAL A 229 14.96 10.81 -24.94
N ARG A 230 14.96 10.39 -23.68
CA ARG A 230 16.04 9.54 -23.16
C ARG A 230 15.89 8.08 -23.58
N HIS A 231 14.90 7.80 -24.43
CA HIS A 231 14.73 6.45 -24.95
C HIS A 231 14.30 6.47 -26.41
N GLN A 232 14.38 7.64 -27.02
CA GLN A 232 14.12 7.82 -28.45
C GLN A 232 12.73 7.35 -28.89
N GLY A 233 11.77 7.41 -27.98
CA GLY A 233 10.38 7.17 -28.33
C GLY A 233 9.94 5.73 -28.21
N LYS A 234 10.76 4.89 -27.62
CA LYS A 234 10.42 3.49 -27.40
C LYS A 234 9.17 3.34 -26.54
N ILE A 235 8.93 4.31 -25.65
CA ILE A 235 7.79 4.21 -24.75
C ILE A 235 6.49 4.56 -25.47
N MET A 236 5.48 3.70 -25.27
CA MET A 236 4.13 3.98 -25.71
C MET A 236 3.37 4.60 -24.54
N TYR A 237 2.97 5.86 -24.69
CA TYR A 237 2.40 6.59 -23.58
C TYR A 237 0.86 6.59 -23.58
N VAL A 238 0.27 6.30 -22.42
CA VAL A 238 -1.18 6.42 -22.23
C VAL A 238 -1.47 7.43 -21.11
N GLY A 239 -2.70 7.92 -21.03
CA GLY A 239 -3.06 8.96 -20.07
C GLY A 239 -3.06 8.52 -18.62
N ASP A 240 -4.16 8.80 -17.94
CA ASP A 240 -4.33 8.37 -16.55
C ASP A 240 -4.34 6.88 -16.47
N VAL A 241 -4.03 6.35 -15.30
CA VAL A 241 -4.27 4.94 -15.09
C VAL A 241 -5.78 4.70 -15.18
N ARG A 242 -6.58 5.76 -15.02
CA ARG A 242 -8.03 5.64 -15.11
C ARG A 242 -8.51 5.53 -16.57
N SER A 243 -7.77 6.16 -17.48
CA SER A 243 -8.07 6.06 -18.90
C SER A 243 -8.01 4.61 -19.37
N VAL A 244 -7.12 3.82 -18.78
CA VAL A 244 -6.91 2.44 -19.23
C VAL A 244 -8.05 1.49 -18.82
N THR A 245 -8.63 0.84 -19.83
CA THR A 245 -9.75 -0.09 -19.63
C THR A 245 -9.23 -1.53 -19.55
N GLN A 246 -10.03 -2.42 -18.97
CA GLN A 246 -9.69 -3.85 -18.94
C GLN A 246 -9.42 -4.34 -20.37
N LYS A 247 -10.18 -3.82 -21.32
CA LYS A 247 -10.00 -4.15 -22.73
C LYS A 247 -8.73 -3.51 -23.29
N HIS A 248 -8.42 -2.32 -22.79
CA HIS A 248 -7.18 -1.64 -23.19
C HIS A 248 -6.01 -2.55 -22.91
N ILE A 249 -6.08 -3.29 -21.81
CA ILE A 249 -4.99 -4.17 -21.41
C ILE A 249 -4.75 -5.28 -22.42
N GLN A 250 -5.73 -6.16 -22.60
CA GLN A 250 -5.56 -7.29 -23.50
C GLN A 250 -5.37 -6.85 -24.95
N GLU A 251 -5.93 -5.70 -25.32
CA GLU A 251 -5.76 -5.21 -26.67
C GLU A 251 -4.33 -4.74 -26.92
N TRP A 252 -3.66 -4.30 -25.86
CA TRP A 252 -2.26 -3.88 -25.96
C TRP A 252 -1.31 -5.06 -25.90
N GLY A 253 -1.81 -6.25 -26.21
CA GLY A 253 -1.00 -7.46 -26.17
C GLY A 253 -0.79 -7.92 -24.74
N PRO A 254 -0.36 -9.17 -24.55
CA PRO A 254 -0.12 -9.72 -23.21
C PRO A 254 1.13 -9.13 -22.58
N PHE A 255 1.07 -8.87 -21.28
CA PHE A 255 2.17 -8.23 -20.59
C PHE A 255 2.88 -9.21 -19.64
N ASP A 256 4.20 -9.20 -19.69
CA ASP A 256 5.03 -10.10 -18.89
C ASP A 256 5.37 -9.47 -17.54
N LEU A 257 5.54 -8.14 -17.54
CA LEU A 257 5.93 -7.41 -16.34
C LEU A 257 5.12 -6.13 -16.14
N VAL A 258 4.47 -6.01 -14.98
CA VAL A 258 3.75 -4.78 -14.65
C VAL A 258 4.30 -4.10 -13.41
N ILE A 259 4.87 -2.91 -13.61
CA ILE A 259 5.53 -2.15 -12.56
C ILE A 259 4.79 -0.85 -12.28
N GLY A 260 4.94 -0.35 -11.06
CA GLY A 260 4.35 0.93 -10.71
C GLY A 260 4.65 1.43 -9.30
N GLY A 261 4.88 2.74 -9.21
CA GLY A 261 4.97 3.39 -7.93
C GLY A 261 3.94 4.49 -7.86
N SER A 262 2.84 4.24 -7.17
CA SER A 262 1.79 5.23 -7.02
C SER A 262 2.24 6.38 -6.14
N PRO A 263 1.86 7.62 -6.49
CA PRO A 263 2.22 8.78 -5.67
C PRO A 263 1.79 8.61 -4.22
N CYS A 264 2.63 9.08 -3.29
CA CYS A 264 2.39 8.88 -1.87
C CYS A 264 1.54 9.97 -1.25
N ASN A 265 2.15 11.13 -1.00
CA ASN A 265 1.39 12.30 -0.56
C ASN A 265 0.48 11.90 0.61
N ASP A 266 -0.83 11.86 0.34
CA ASP A 266 -1.86 11.51 1.31
C ASP A 266 -1.69 10.13 1.97
N LEU A 267 -0.72 9.35 1.52
CA LEU A 267 -0.31 8.11 2.21
C LEU A 267 0.56 8.35 3.44
N SER A 268 1.73 8.97 3.24
CA SER A 268 2.74 9.21 4.29
C SER A 268 2.25 10.13 5.40
N ILE A 269 2.75 9.88 6.61
CA ILE A 269 2.23 10.56 7.80
C ILE A 269 2.83 11.95 8.02
N VAL A 270 3.88 12.28 7.28
CA VAL A 270 4.51 13.59 7.39
C VAL A 270 3.64 14.70 6.81
N ASN A 271 2.54 14.29 6.17
CA ASN A 271 1.57 15.21 5.60
C ASN A 271 0.37 15.38 6.54
N PRO A 272 0.09 16.63 6.96
CA PRO A 272 -1.08 16.95 7.79
C PRO A 272 -2.40 16.66 7.07
N ALA A 273 -2.41 16.88 5.76
CA ALA A 273 -3.61 16.81 4.95
C ALA A 273 -3.89 15.43 4.38
N ARG A 274 -3.13 14.43 4.82
CA ARG A 274 -3.24 13.08 4.28
C ARG A 274 -4.68 12.57 4.31
N LYS A 275 -5.20 12.22 3.15
CA LYS A 275 -6.60 11.85 3.01
C LYS A 275 -6.78 10.36 3.09
N GLY A 276 -5.68 9.65 3.36
CA GLY A 276 -5.70 8.21 3.47
C GLY A 276 -5.52 7.56 2.12
N LEU A 277 -5.42 6.24 2.11
CA LEU A 277 -5.32 5.48 0.88
C LEU A 277 -6.58 5.63 0.01
N TYR A 278 -7.70 5.94 0.65
CA TYR A 278 -9.00 5.91 -0.02
C TYR A 278 -9.48 7.21 -0.63
N GLU A 279 -8.80 8.32 -0.34
CA GLU A 279 -9.21 9.59 -0.91
C GLU A 279 -8.03 10.27 -1.57
N GLY A 280 -8.26 11.43 -2.17
CA GLY A 280 -7.19 12.23 -2.75
C GLY A 280 -6.35 11.46 -3.75
N THR A 281 -5.05 11.40 -3.52
CA THR A 281 -4.13 10.73 -4.44
C THR A 281 -3.86 9.28 -4.04
N GLY A 282 -4.43 8.86 -2.91
CA GLY A 282 -4.30 7.49 -2.45
C GLY A 282 -5.00 6.51 -3.37
N ARG A 283 -6.23 6.85 -3.76
CA ARG A 283 -7.06 6.05 -4.67
C ARG A 283 -6.29 5.34 -5.76
N LEU A 284 -5.27 6.03 -6.28
CA LEU A 284 -4.50 5.57 -7.44
C LEU A 284 -3.96 4.17 -7.24
N PHE A 285 -3.71 3.80 -5.98
CA PHE A 285 -3.29 2.44 -5.68
C PHE A 285 -4.22 1.43 -6.32
N PHE A 286 -5.51 1.56 -6.03
CA PHE A 286 -6.53 0.67 -6.58
C PHE A 286 -6.51 0.62 -8.09
N GLU A 287 -6.16 1.73 -8.75
CA GLU A 287 -6.12 1.72 -10.20
C GLU A 287 -5.07 0.72 -10.64
N PHE A 288 -3.91 0.79 -10.00
CA PHE A 288 -2.90 -0.25 -10.17
C PHE A 288 -3.52 -1.62 -9.89
N TYR A 289 -4.13 -1.73 -8.71
CA TYR A 289 -4.76 -2.98 -8.29
C TYR A 289 -5.69 -3.49 -9.35
N ARG A 290 -6.35 -2.55 -10.03
CA ARG A 290 -7.28 -2.91 -11.08
C ARG A 290 -6.51 -3.44 -12.27
N LEU A 291 -5.58 -2.65 -12.79
CA LEU A 291 -4.95 -2.98 -14.05
C LEU A 291 -4.01 -4.18 -13.89
N LEU A 292 -3.62 -4.47 -12.66
CA LEU A 292 -2.83 -5.67 -12.39
C LEU A 292 -3.71 -6.89 -12.59
N HIS A 293 -4.94 -6.78 -12.10
CA HIS A 293 -5.90 -7.87 -12.17
C HIS A 293 -6.33 -8.12 -13.60
N ASP A 294 -6.49 -7.04 -14.36
CA ASP A 294 -6.84 -7.14 -15.78
C ASP A 294 -5.63 -7.56 -16.60
N ALA A 295 -4.52 -7.81 -15.93
CA ALA A 295 -3.27 -8.18 -16.59
C ALA A 295 -2.90 -9.62 -16.27
N ARG A 296 -2.75 -9.89 -14.97
CA ARG A 296 -2.31 -11.19 -14.47
C ARG A 296 -3.07 -12.33 -15.13
N PRO A 297 -2.34 -13.31 -15.67
CA PRO A 297 -2.93 -14.39 -16.46
C PRO A 297 -3.79 -15.31 -15.61
N LYS A 298 -4.89 -15.79 -16.18
CA LYS A 298 -5.84 -16.65 -15.49
C LYS A 298 -5.28 -18.08 -15.33
N GLU A 299 -6.09 -18.97 -14.77
CA GLU A 299 -5.69 -20.36 -14.60
C GLU A 299 -5.42 -21.02 -15.95
N GLY A 300 -4.47 -21.94 -15.97
CA GLY A 300 -4.08 -22.60 -17.20
C GLY A 300 -2.88 -21.91 -17.81
N ASP A 301 -2.66 -20.65 -17.44
CA ASP A 301 -1.46 -19.95 -17.86
C ASP A 301 -0.33 -20.27 -16.91
N ASP A 302 0.69 -20.93 -17.42
CA ASP A 302 1.89 -21.21 -16.65
C ASP A 302 2.90 -20.14 -16.99
N ARG A 303 2.50 -19.21 -17.86
CA ARG A 303 3.34 -18.11 -18.29
C ARG A 303 3.92 -17.39 -17.08
N PRO A 304 5.24 -17.20 -17.07
CA PRO A 304 5.84 -16.45 -15.98
C PRO A 304 5.32 -15.02 -16.03
N PHE A 305 4.86 -14.50 -14.89
CA PHE A 305 4.27 -13.17 -14.83
C PHE A 305 4.73 -12.39 -13.59
N PHE A 306 5.32 -11.22 -13.81
CA PHE A 306 5.93 -10.49 -12.71
C PHE A 306 5.37 -9.08 -12.51
N TRP A 307 5.22 -8.69 -11.26
CA TRP A 307 4.69 -7.37 -10.95
C TRP A 307 5.35 -6.75 -9.72
N LEU A 308 5.42 -5.42 -9.72
CA LEU A 308 6.11 -4.68 -8.67
C LEU A 308 5.40 -3.38 -8.31
N PHE A 309 4.96 -3.25 -7.06
CA PHE A 309 4.34 -2.01 -6.60
C PHE A 309 5.10 -1.40 -5.44
N GLU A 310 5.63 -0.19 -5.66
CA GLU A 310 6.46 0.48 -4.67
C GLU A 310 5.72 1.62 -3.98
N ASN A 311 5.98 1.82 -2.70
CA ASN A 311 5.48 3.01 -2.02
C ASN A 311 6.36 3.41 -0.84
N VAL A 312 5.95 4.46 -0.15
CA VAL A 312 6.71 4.97 1.00
C VAL A 312 6.52 4.09 2.22
N VAL A 313 7.48 4.14 3.13
CA VAL A 313 7.39 3.36 4.35
C VAL A 313 6.76 4.20 5.44
N ALA A 314 6.51 5.47 5.14
CA ALA A 314 5.94 6.42 6.08
C ALA A 314 4.43 6.26 6.17
N MET A 315 3.91 5.34 5.36
CA MET A 315 2.50 4.98 5.30
C MET A 315 1.92 4.64 6.68
N GLY A 316 0.69 5.10 6.95
CA GLY A 316 0.00 4.66 8.15
C GLY A 316 -0.15 3.15 8.13
N VAL A 317 -0.21 2.53 9.31
CA VAL A 317 -0.26 1.07 9.40
C VAL A 317 -1.56 0.52 8.83
N SER A 318 -2.62 1.31 8.93
CA SER A 318 -3.93 0.93 8.42
C SER A 318 -3.91 0.82 6.91
N ASP A 319 -3.44 1.88 6.26
CA ASP A 319 -3.34 1.92 4.81
C ASP A 319 -2.41 0.83 4.26
N LYS A 320 -1.30 0.58 4.94
CA LYS A 320 -0.39 -0.48 4.50
C LYS A 320 -1.04 -1.84 4.64
N ARG A 321 -1.72 -2.05 5.76
CA ARG A 321 -2.50 -3.27 5.99
C ARG A 321 -3.43 -3.53 4.82
N ASP A 322 -4.25 -2.52 4.52
CA ASP A 322 -5.18 -2.61 3.40
C ASP A 322 -4.45 -2.95 2.10
N ILE A 323 -3.40 -2.20 1.77
CA ILE A 323 -2.67 -2.42 0.52
C ILE A 323 -2.16 -3.84 0.38
N SER A 324 -1.57 -4.35 1.47
CA SER A 324 -1.07 -5.72 1.49
C SER A 324 -2.20 -6.71 1.30
N ARG A 325 -3.37 -6.39 1.85
CA ARG A 325 -4.54 -7.25 1.70
C ARG A 325 -5.00 -7.30 0.25
N PHE A 326 -5.12 -6.14 -0.38
CA PHE A 326 -5.55 -6.01 -1.77
C PHE A 326 -4.58 -6.66 -2.74
N LEU A 327 -3.29 -6.61 -2.43
CA LEU A 327 -2.32 -7.25 -3.29
C LEU A 327 -2.05 -8.67 -2.80
N GLU A 328 -2.61 -8.99 -1.64
CA GLU A 328 -2.54 -10.34 -1.03
C GLU A 328 -1.10 -10.77 -0.68
N SER A 329 -0.16 -9.85 -0.89
CA SER A 329 1.26 -10.11 -0.71
C SER A 329 1.80 -9.15 0.34
N ASN A 330 2.99 -9.43 0.84
CA ASN A 330 3.62 -8.55 1.83
C ASN A 330 4.85 -7.87 1.24
N PRO A 331 5.19 -6.67 1.75
CA PRO A 331 6.25 -5.85 1.17
C PRO A 331 7.63 -6.09 1.79
N VAL A 332 8.67 -5.81 1.01
CA VAL A 332 10.03 -5.79 1.53
C VAL A 332 10.48 -4.34 1.67
N MET A 333 11.20 -4.02 2.75
CA MET A 333 11.66 -2.63 2.94
C MET A 333 13.09 -2.47 2.42
N ILE A 334 13.21 -2.04 1.17
CA ILE A 334 14.52 -1.92 0.55
C ILE A 334 15.04 -0.49 0.74
N ASP A 335 16.30 -0.38 1.18
CA ASP A 335 16.93 0.91 1.46
C ASP A 335 18.07 1.17 0.47
N ALA A 336 18.06 2.34 -0.17
CA ALA A 336 19.07 2.69 -1.15
C ALA A 336 20.46 2.78 -0.52
N LYS A 337 20.46 3.02 0.79
CA LYS A 337 21.65 3.05 1.63
C LYS A 337 22.72 2.03 1.23
N GLU A 338 22.30 0.78 1.05
CA GLU A 338 23.24 -0.31 0.86
C GLU A 338 24.03 -0.23 -0.46
N VAL A 339 23.54 0.52 -1.43
CA VAL A 339 24.18 0.55 -2.74
C VAL A 339 24.12 1.92 -3.40
N SER A 340 23.26 2.79 -2.87
CA SER A 340 23.25 4.16 -3.33
C SER A 340 23.86 5.08 -2.29
N ALA A 341 23.99 6.36 -2.65
CA ALA A 341 24.68 7.34 -1.81
C ALA A 341 23.73 8.03 -0.84
N ALA A 342 22.44 7.78 -1.02
CA ALA A 342 21.43 8.34 -0.14
C ALA A 342 20.74 7.22 0.62
N HIS A 343 20.31 7.49 1.84
CA HIS A 343 19.55 6.50 2.58
C HIS A 343 18.08 6.89 2.65
N ARG A 344 17.26 6.12 1.94
CA ARG A 344 15.81 6.22 2.05
C ARG A 344 15.23 4.86 1.69
N ALA A 345 14.22 4.43 2.45
CA ALA A 345 13.69 3.09 2.29
C ALA A 345 12.26 3.11 1.82
N ARG A 346 11.93 2.16 0.95
CA ARG A 346 10.58 2.06 0.43
C ARG A 346 10.05 0.63 0.57
N TYR A 347 8.73 0.50 0.68
CA TYR A 347 8.09 -0.80 0.64
C TYR A 347 7.96 -1.26 -0.82
N PHE A 348 8.15 -2.55 -1.01
CA PHE A 348 8.10 -3.17 -2.33
C PHE A 348 7.26 -4.46 -2.33
N TRP A 349 6.11 -4.38 -2.98
CA TRP A 349 5.24 -5.54 -3.17
C TRP A 349 5.50 -6.21 -4.50
N GLY A 350 5.41 -7.53 -4.53
CA GLY A 350 5.56 -8.25 -5.78
C GLY A 350 5.85 -9.74 -5.71
N ASN A 351 6.33 -10.26 -6.83
CA ASN A 351 6.61 -11.67 -7.00
C ASN A 351 7.94 -11.90 -7.68
N LEU A 352 8.74 -10.84 -7.77
CA LEU A 352 10.04 -10.91 -8.44
C LEU A 352 10.97 -11.89 -7.73
N PRO A 353 11.79 -12.62 -8.53
CA PRO A 353 12.84 -13.47 -7.96
C PRO A 353 13.78 -12.69 -7.05
N GLY A 354 14.21 -13.30 -5.96
CA GLY A 354 15.12 -12.63 -5.04
C GLY A 354 14.53 -11.36 -4.49
N MET A 355 13.26 -11.46 -4.08
CA MET A 355 12.54 -10.32 -3.58
C MET A 355 13.19 -9.81 -2.30
N ASN A 356 13.34 -10.70 -1.32
CA ASN A 356 13.88 -10.33 -0.01
C ASN A 356 15.39 -10.55 0.07
N ARG A 357 15.97 -10.92 -1.06
CA ARG A 357 17.42 -11.10 -1.20
C ARG A 357 18.21 -9.89 -0.71
N PRO A 358 19.32 -10.15 0.00
CA PRO A 358 20.20 -9.10 0.53
C PRO A 358 20.81 -8.24 -0.56
N LEU A 359 20.84 -6.93 -0.33
CA LEU A 359 21.31 -5.96 -1.33
C LEU A 359 22.75 -6.21 -1.74
N ALA A 360 23.00 -6.26 -3.05
CA ALA A 360 24.34 -6.49 -3.54
C ALA A 360 24.99 -5.19 -4.01
N SER A 361 25.98 -4.69 -3.27
CA SER A 361 26.64 -3.44 -3.63
C SER A 361 27.71 -3.67 -4.69
N THR A 362 27.61 -2.94 -5.78
CA THR A 362 28.51 -3.14 -6.92
C THR A 362 29.87 -2.49 -6.70
N VAL A 363 30.75 -2.67 -7.66
CA VAL A 363 32.04 -1.99 -7.67
C VAL A 363 31.83 -0.57 -8.22
N ASN A 364 30.97 -0.47 -9.23
CA ASN A 364 30.76 0.79 -9.95
C ASN A 364 29.68 1.65 -9.32
N ASP A 365 29.17 1.21 -8.18
CA ASP A 365 28.19 1.99 -7.43
C ASP A 365 28.86 2.90 -6.40
N LYS A 366 28.34 4.11 -6.29
CA LYS A 366 28.91 5.13 -5.42
C LYS A 366 28.23 5.11 -4.05
N LEU A 367 28.98 4.66 -3.06
CA LEU A 367 28.43 4.48 -1.71
C LEU A 367 28.40 5.78 -0.91
N GLU A 368 29.45 6.58 -1.05
CA GLU A 368 29.59 7.82 -0.30
C GLU A 368 29.06 9.01 -1.07
N LEU A 369 28.61 10.02 -0.33
CA LEU A 369 28.10 11.24 -0.94
C LEU A 369 29.18 11.90 -1.78
N GLN A 370 30.40 11.89 -1.27
CA GLN A 370 31.53 12.54 -1.91
C GLN A 370 31.73 12.08 -3.35
N GLU A 371 31.37 10.82 -3.63
CA GLU A 371 31.54 10.26 -4.96
C GLU A 371 30.60 10.90 -5.98
N CYS A 372 29.60 11.62 -5.47
CA CYS A 372 28.56 12.18 -6.32
C CYS A 372 28.85 13.63 -6.73
N LEU A 373 29.46 14.39 -5.82
CA LEU A 373 29.64 15.83 -6.02
C LEU A 373 30.55 16.14 -7.22
N GLU A 374 30.39 17.33 -7.77
CA GLU A 374 31.20 17.79 -8.87
C GLU A 374 32.60 18.18 -8.38
N HIS A 375 33.48 18.60 -9.29
CA HIS A 375 34.85 18.95 -8.92
C HIS A 375 34.92 20.18 -8.02
N GLY A 376 35.70 20.07 -6.95
CA GLY A 376 35.92 21.21 -6.08
C GLY A 376 34.81 21.44 -5.08
N ARG A 377 34.14 20.35 -4.73
CA ARG A 377 33.13 20.41 -3.70
C ARG A 377 33.38 19.26 -2.75
N ILE A 378 33.01 19.41 -1.47
CA ILE A 378 33.24 18.33 -0.52
C ILE A 378 31.97 17.95 0.22
N ALA A 379 31.96 16.72 0.73
CA ALA A 379 30.81 16.18 1.43
C ALA A 379 30.82 16.53 2.90
N LYS A 380 29.74 17.14 3.37
CA LYS A 380 29.59 17.48 4.77
C LYS A 380 29.08 16.28 5.57
N PHE A 381 28.62 15.25 4.87
CA PHE A 381 28.10 14.03 5.51
C PHE A 381 28.57 12.77 4.77
N SER A 382 28.13 11.61 5.25
CA SER A 382 28.41 10.34 4.61
C SER A 382 27.37 10.03 3.53
N LYS A 383 26.12 9.89 3.96
CA LYS A 383 24.98 9.71 3.07
C LYS A 383 23.92 10.78 3.37
N VAL A 384 23.10 11.11 2.38
CA VAL A 384 22.20 12.24 2.49
C VAL A 384 20.77 11.89 2.89
N ARG A 385 19.95 12.91 3.11
CA ARG A 385 18.54 12.69 3.43
C ARG A 385 17.61 13.55 2.57
N THR A 386 17.68 14.87 2.76
CA THR A 386 16.84 15.84 2.06
C THR A 386 15.36 15.46 2.16
N GLN A 400 21.54 17.39 8.56
CA GLN A 400 21.55 17.13 7.13
C GLN A 400 21.03 18.33 6.35
N HIS A 401 21.47 19.52 6.74
CA HIS A 401 20.88 20.75 6.21
C HIS A 401 21.34 21.06 4.79
N PHE A 402 22.59 21.51 4.67
CA PHE A 402 23.23 21.69 3.37
C PHE A 402 24.44 20.76 3.28
N PRO A 403 24.31 19.70 2.47
CA PRO A 403 25.27 18.59 2.43
C PRO A 403 26.64 18.95 1.84
N VAL A 404 26.76 20.07 1.14
CA VAL A 404 28.01 20.34 0.44
C VAL A 404 28.69 21.62 0.88
N PHE A 405 30.00 21.51 1.10
CA PHE A 405 30.85 22.65 1.38
C PHE A 405 31.59 23.05 0.12
N MET A 406 31.52 24.33 -0.23
CA MET A 406 32.29 24.87 -1.35
C MET A 406 32.86 26.25 -1.01
N ASN A 407 34.19 26.37 -1.11
CA ASN A 407 34.93 27.59 -0.77
C ASN A 407 34.63 28.08 0.64
N GLU A 408 34.74 27.18 1.62
CA GLU A 408 34.40 27.46 3.01
C GLU A 408 32.99 28.07 3.15
N LYS A 409 32.05 27.59 2.34
CA LYS A 409 30.66 28.04 2.44
C LYS A 409 29.68 26.90 2.15
N GLU A 410 28.61 26.83 2.93
CA GLU A 410 27.59 25.79 2.77
C GLU A 410 26.85 25.98 1.46
N ASP A 411 26.37 24.88 0.89
CA ASP A 411 25.68 24.91 -0.40
C ASP A 411 24.66 23.79 -0.52
N ILE A 412 23.63 24.04 -1.34
CA ILE A 412 22.61 23.04 -1.64
C ILE A 412 23.17 22.01 -2.62
N LEU A 413 22.56 20.84 -2.63
CA LEU A 413 22.99 19.77 -3.52
C LEU A 413 22.66 20.13 -4.96
N TRP A 414 23.56 19.79 -5.88
CA TRP A 414 23.32 20.11 -7.28
C TRP A 414 22.52 19.02 -7.97
N CYS A 415 21.92 19.37 -9.09
CA CYS A 415 21.13 18.42 -9.88
C CYS A 415 22.01 17.34 -10.50
N THR A 416 23.04 17.78 -11.23
CA THR A 416 23.97 16.88 -11.90
C THR A 416 24.63 15.93 -10.90
N GLU A 417 24.59 16.32 -9.63
CA GLU A 417 25.08 15.50 -8.54
C GLU A 417 23.96 14.58 -8.03
N MET A 418 22.81 15.18 -7.80
CA MET A 418 21.67 14.46 -7.23
C MET A 418 21.36 13.25 -8.07
N GLU A 419 21.52 13.39 -9.38
CA GLU A 419 21.40 12.28 -10.31
C GLU A 419 22.26 11.09 -9.89
N ARG A 420 23.53 11.37 -9.59
CA ARG A 420 24.46 10.35 -9.13
C ARG A 420 23.98 9.76 -7.80
N VAL A 421 23.49 10.64 -6.94
CA VAL A 421 22.99 10.21 -5.64
C VAL A 421 21.84 9.23 -5.79
N PHE A 422 21.10 9.35 -6.88
CA PHE A 422 20.01 8.43 -7.17
C PHE A 422 20.42 7.38 -8.20
N GLY A 423 21.62 7.54 -8.75
CA GLY A 423 22.19 6.52 -9.60
C GLY A 423 21.81 6.64 -11.07
N PHE A 424 21.09 7.72 -11.39
CA PHE A 424 20.77 7.99 -12.78
C PHE A 424 22.03 8.47 -13.49
N PRO A 425 22.09 8.25 -14.82
CA PRO A 425 23.21 8.78 -15.60
C PRO A 425 23.31 10.29 -15.47
N VAL A 426 24.51 10.84 -15.67
CA VAL A 426 24.72 12.27 -15.50
C VAL A 426 24.03 13.03 -16.63
N HIS A 427 23.32 14.09 -16.25
CA HIS A 427 22.52 14.89 -17.20
C HIS A 427 21.41 14.06 -17.86
N TYR A 428 20.97 13.01 -17.18
CA TYR A 428 19.88 12.18 -17.67
C TYR A 428 18.61 13.02 -17.72
N THR A 429 18.45 13.82 -16.68
CA THR A 429 17.27 14.61 -16.45
C THR A 429 17.41 16.01 -17.02
N ASP A 430 18.48 16.26 -17.76
CA ASP A 430 18.62 17.55 -18.41
C ASP A 430 17.99 17.43 -19.79
N VAL A 431 16.77 17.95 -19.87
CA VAL A 431 15.97 17.90 -21.09
C VAL A 431 14.90 18.99 -21.04
N SER A 432 14.57 19.52 -22.21
CA SER A 432 13.73 20.71 -22.38
C SER A 432 14.22 21.97 -21.69
N ASN A 433 13.27 22.81 -21.31
CA ASN A 433 13.57 24.07 -20.63
C ASN A 433 13.22 24.02 -19.16
N MET A 434 12.88 22.81 -18.73
CA MET A 434 12.31 22.53 -17.43
C MET A 434 13.07 23.23 -16.31
N SER A 435 12.34 23.85 -15.40
CA SER A 435 12.95 24.64 -14.34
C SER A 435 13.68 23.74 -13.34
N ARG A 436 14.72 24.29 -12.72
CA ARG A 436 15.57 23.53 -11.79
C ARG A 436 14.74 22.91 -10.68
N LEU A 437 13.85 23.70 -10.10
CA LEU A 437 12.98 23.21 -9.04
C LEU A 437 12.11 22.06 -9.55
N ALA A 438 11.75 22.11 -10.82
CA ALA A 438 10.92 21.05 -11.42
C ALA A 438 11.75 19.80 -11.63
N ARG A 439 12.98 19.98 -12.05
CA ARG A 439 13.89 18.86 -12.25
C ARG A 439 14.10 18.12 -10.94
N GLN A 440 14.49 18.88 -9.92
CA GLN A 440 14.69 18.31 -8.60
C GLN A 440 13.39 17.69 -8.10
N ARG A 441 12.27 18.30 -8.47
CA ARG A 441 10.96 17.76 -8.12
C ARG A 441 10.84 16.36 -8.68
N LEU A 442 11.29 16.20 -9.92
CA LEU A 442 11.23 14.91 -10.61
C LEU A 442 12.13 13.86 -9.96
N LEU A 443 13.39 14.20 -9.74
CA LEU A 443 14.31 13.23 -9.14
C LEU A 443 13.92 12.88 -7.70
N GLY A 444 13.22 13.81 -7.05
CA GLY A 444 12.84 13.65 -5.65
C GLY A 444 11.84 12.53 -5.46
N ARG A 445 11.07 12.23 -6.50
CA ARG A 445 10.04 11.21 -6.40
C ARG A 445 10.34 10.03 -7.32
N SER A 446 11.60 9.85 -7.67
CA SER A 446 11.97 8.74 -8.55
C SER A 446 12.41 7.52 -7.76
N TRP A 447 12.60 6.41 -8.47
CA TRP A 447 13.20 5.20 -7.91
C TRP A 447 14.71 5.30 -7.88
N SER A 448 15.34 4.62 -6.92
CA SER A 448 16.79 4.54 -6.87
C SER A 448 17.29 3.54 -7.92
N VAL A 449 17.94 4.04 -8.97
CA VAL A 449 18.36 3.19 -10.09
C VAL A 449 19.09 1.89 -9.68
N PRO A 450 20.08 1.95 -8.75
CA PRO A 450 20.73 0.68 -8.41
C PRO A 450 19.80 -0.30 -7.68
N VAL A 451 18.84 0.22 -6.92
CA VAL A 451 17.86 -0.62 -6.24
C VAL A 451 17.00 -1.36 -7.27
N ILE A 452 16.48 -0.63 -8.25
CA ILE A 452 15.67 -1.24 -9.29
C ILE A 452 16.52 -2.20 -10.10
N ARG A 453 17.83 -1.95 -10.18
CA ARG A 453 18.75 -2.89 -10.82
C ARG A 453 18.80 -4.19 -10.02
N HIS A 454 18.83 -4.05 -8.69
CA HIS A 454 18.83 -5.20 -7.79
C HIS A 454 17.54 -6.01 -7.91
N LEU A 455 16.43 -5.32 -8.12
CA LEU A 455 15.14 -5.98 -8.26
C LEU A 455 15.02 -6.68 -9.61
N PHE A 456 15.33 -5.95 -10.67
CA PHE A 456 15.25 -6.47 -12.03
C PHE A 456 16.44 -7.35 -12.39
N ALA A 457 17.31 -7.60 -11.42
CA ALA A 457 18.49 -8.40 -11.66
C ALA A 457 18.12 -9.83 -12.09
N PRO A 458 17.41 -10.58 -11.23
CA PRO A 458 17.23 -12.00 -11.61
C PRO A 458 16.12 -12.19 -12.64
N LEU A 459 15.85 -11.16 -13.42
CA LEU A 459 14.79 -11.19 -14.42
C LEU A 459 15.36 -11.52 -15.79
N LYS A 460 16.66 -11.33 -15.93
CA LYS A 460 17.32 -11.50 -17.21
C LYS A 460 17.30 -12.97 -17.62
N GLU A 461 17.08 -13.84 -16.64
CA GLU A 461 17.06 -15.28 -16.89
C GLU A 461 15.73 -15.77 -17.46
N TYR A 462 14.67 -14.98 -17.32
CA TYR A 462 13.36 -15.38 -17.86
C TYR A 462 13.03 -14.77 -19.21
N PHE A 463 13.87 -13.88 -19.73
CA PHE A 463 13.57 -13.21 -21.00
C PHE A 463 14.80 -13.03 -21.89
N ALA A 464 14.58 -12.47 -23.09
CA ALA A 464 15.63 -12.31 -24.10
C ALA A 464 16.70 -11.31 -23.68
N CYS A 465 17.93 -11.52 -24.16
CA CYS A 465 19.05 -10.63 -23.84
C CYS A 465 19.81 -10.28 -25.11
N VAL A 466 20.70 -9.30 -25.06
CA VAL A 466 21.46 -8.92 -26.24
C VAL A 466 22.88 -9.49 -26.19
N PHE B 9 -26.10 -15.86 -19.77
CA PHE B 9 -26.17 -17.14 -19.06
C PHE B 9 -27.32 -18.02 -19.53
N GLU B 10 -27.21 -19.33 -19.32
CA GLU B 10 -28.25 -20.26 -19.73
C GLU B 10 -29.18 -20.63 -18.58
N THR B 11 -30.47 -20.73 -18.87
CA THR B 11 -31.48 -21.01 -17.86
C THR B 11 -31.37 -22.41 -17.27
N VAL B 12 -31.91 -22.58 -16.07
CA VAL B 12 -31.80 -23.83 -15.32
C VAL B 12 -33.18 -24.48 -15.12
N PRO B 13 -33.37 -25.68 -15.68
CA PRO B 13 -34.63 -26.45 -15.57
C PRO B 13 -35.11 -26.57 -14.12
N VAL B 14 -36.41 -26.74 -13.93
CA VAL B 14 -37.04 -26.66 -12.60
C VAL B 14 -36.59 -27.80 -11.69
N TRP B 15 -36.42 -28.98 -12.27
CA TRP B 15 -36.01 -30.17 -11.54
C TRP B 15 -34.50 -30.23 -11.29
N ARG B 16 -33.85 -29.06 -11.28
CA ARG B 16 -32.40 -28.99 -11.09
C ARG B 16 -32.00 -27.73 -10.32
N ARG B 17 -32.97 -26.86 -10.07
CA ARG B 17 -32.70 -25.60 -9.41
C ARG B 17 -32.36 -25.81 -7.94
N GLN B 18 -31.15 -25.40 -7.55
CA GLN B 18 -30.67 -25.59 -6.19
C GLN B 18 -31.08 -24.45 -5.27
N PRO B 19 -30.72 -24.53 -3.97
CA PRO B 19 -30.84 -23.34 -3.13
C PRO B 19 -29.76 -22.33 -3.52
N VAL B 20 -30.07 -21.04 -3.47
CA VAL B 20 -29.14 -20.01 -3.91
C VAL B 20 -28.25 -19.59 -2.77
N ARG B 21 -26.94 -19.53 -3.04
CA ARG B 21 -25.96 -19.25 -2.00
C ARG B 21 -25.44 -17.81 -2.09
N VAL B 22 -25.72 -17.03 -1.06
CA VAL B 22 -25.53 -15.60 -1.13
C VAL B 22 -24.48 -15.08 -0.14
N LEU B 23 -23.84 -13.97 -0.49
CA LEU B 23 -22.81 -13.32 0.34
C LEU B 23 -23.14 -11.84 0.51
N SER B 24 -23.75 -11.49 1.65
CA SER B 24 -24.26 -10.14 1.87
C SER B 24 -23.29 -9.25 2.61
N LEU B 25 -22.74 -8.24 1.92
CA LEU B 25 -21.68 -7.38 2.46
C LEU B 25 -22.19 -6.03 2.98
N PHE B 26 -21.72 -5.64 4.16
CA PHE B 26 -22.00 -4.34 4.77
C PHE B 26 -23.48 -4.13 5.09
N GLU B 27 -24.34 -4.73 4.28
CA GLU B 27 -25.78 -4.70 4.50
C GLU B 27 -26.26 -6.15 4.51
N ASP B 28 -27.47 -6.39 4.98
CA ASP B 28 -28.01 -7.73 5.00
C ASP B 28 -29.37 -7.82 4.32
N ILE B 29 -29.44 -8.57 3.23
CA ILE B 29 -30.69 -8.75 2.52
C ILE B 29 -31.27 -10.13 2.76
N LYS B 30 -30.94 -10.71 3.91
CA LYS B 30 -31.51 -11.99 4.29
C LYS B 30 -33.03 -11.87 4.27
N LYS B 31 -33.51 -10.74 4.77
CA LYS B 31 -34.93 -10.45 4.88
C LYS B 31 -35.63 -10.48 3.52
N GLU B 32 -35.10 -9.73 2.56
CA GLU B 32 -35.72 -9.62 1.24
C GLU B 32 -35.59 -10.90 0.45
N LEU B 33 -34.45 -11.57 0.58
CA LEU B 33 -34.22 -12.79 -0.16
C LEU B 33 -35.07 -13.94 0.37
N THR B 34 -35.46 -13.84 1.64
CA THR B 34 -36.37 -14.84 2.21
C THR B 34 -37.80 -14.52 1.75
N SER B 35 -38.14 -13.24 1.74
CA SER B 35 -39.45 -12.79 1.25
C SER B 35 -39.62 -13.00 -0.25
N LEU B 36 -38.53 -13.28 -0.94
CA LEU B 36 -38.58 -13.58 -2.37
C LEU B 36 -38.56 -15.09 -2.62
N GLY B 37 -38.50 -15.87 -1.54
CA GLY B 37 -38.57 -17.31 -1.64
C GLY B 37 -37.27 -17.95 -2.08
N PHE B 38 -36.18 -17.19 -1.99
CA PHE B 38 -34.85 -17.72 -2.24
C PHE B 38 -34.25 -18.43 -1.03
N LEU B 39 -34.72 -18.05 0.15
CA LEU B 39 -34.25 -18.60 1.42
C LEU B 39 -35.37 -19.25 2.22
N GLU B 40 -35.13 -20.49 2.64
CA GLU B 40 -36.19 -21.29 3.25
C GLU B 40 -36.41 -20.99 4.73
N SER B 41 -35.52 -21.52 5.59
CA SER B 41 -35.59 -21.33 7.05
C SER B 41 -34.54 -22.13 7.84
N GLY B 42 -34.57 -21.90 9.15
CA GLY B 42 -33.96 -22.77 10.14
C GLY B 42 -32.63 -22.35 10.73
N SER B 43 -31.82 -21.62 9.97
CA SER B 43 -30.79 -20.78 10.58
C SER B 43 -30.67 -19.39 9.88
N ASP B 44 -30.32 -19.31 8.58
CA ASP B 44 -30.21 -20.41 7.62
C ASP B 44 -28.83 -21.07 7.63
N PRO B 45 -28.80 -22.42 7.63
CA PRO B 45 -27.61 -23.26 7.81
C PRO B 45 -26.96 -23.89 6.57
N GLY B 46 -26.41 -23.16 5.60
CA GLY B 46 -26.47 -21.71 5.50
C GLY B 46 -26.36 -21.34 4.04
N GLN B 47 -26.97 -20.22 3.67
CA GLN B 47 -27.09 -19.86 2.26
C GLN B 47 -26.74 -18.39 2.09
N LEU B 48 -26.85 -17.65 3.20
CA LEU B 48 -26.55 -16.23 3.17
C LEU B 48 -25.48 -15.89 4.20
N LYS B 49 -24.23 -15.80 3.75
CA LYS B 49 -23.13 -15.38 4.61
C LYS B 49 -23.03 -13.85 4.62
N HIS B 50 -23.43 -13.26 5.76
CA HIS B 50 -23.40 -11.83 5.93
C HIS B 50 -22.21 -11.41 6.79
N VAL B 51 -21.53 -10.34 6.39
CA VAL B 51 -20.39 -9.81 7.14
C VAL B 51 -20.33 -8.30 6.97
N VAL B 52 -20.12 -7.57 8.06
CA VAL B 52 -20.26 -6.11 8.00
C VAL B 52 -18.95 -5.34 7.91
N ASP B 53 -17.85 -5.94 8.37
CA ASP B 53 -16.56 -5.28 8.34
C ASP B 53 -15.47 -6.24 7.87
N VAL B 54 -15.26 -6.27 6.56
CA VAL B 54 -14.37 -7.26 5.95
C VAL B 54 -12.97 -6.73 5.75
N THR B 55 -12.54 -5.84 6.63
CA THR B 55 -11.19 -5.28 6.55
C THR B 55 -10.18 -6.41 6.76
N ASP B 56 -10.59 -7.40 7.54
CA ASP B 56 -9.76 -8.58 7.78
C ASP B 56 -10.40 -9.83 7.19
N THR B 57 -10.56 -9.86 5.87
CA THR B 57 -11.11 -11.03 5.20
C THR B 57 -10.19 -11.47 4.10
N VAL B 58 -9.62 -12.66 4.24
CA VAL B 58 -8.70 -13.17 3.22
C VAL B 58 -9.47 -13.98 2.18
N ARG B 59 -8.85 -14.20 1.04
CA ARG B 59 -9.42 -15.00 -0.04
C ARG B 59 -9.87 -16.38 0.45
N LYS B 60 -9.06 -16.97 1.31
CA LYS B 60 -9.35 -18.29 1.86
C LYS B 60 -10.64 -18.30 2.67
N ASP B 61 -10.91 -17.21 3.39
CA ASP B 61 -12.14 -17.10 4.19
C ASP B 61 -13.37 -17.22 3.30
N VAL B 62 -13.33 -16.49 2.19
CA VAL B 62 -14.41 -16.48 1.21
C VAL B 62 -14.55 -17.86 0.57
N GLU B 63 -13.44 -18.41 0.06
CA GLU B 63 -13.48 -19.74 -0.55
C GLU B 63 -14.04 -20.80 0.39
N GLU B 64 -13.68 -20.69 1.66
CA GLU B 64 -14.07 -21.66 2.69
C GLU B 64 -15.55 -21.52 3.07
N TRP B 65 -16.11 -20.34 2.83
CA TRP B 65 -17.52 -20.08 3.16
C TRP B 65 -18.46 -20.75 2.16
N GLY B 66 -17.99 -21.80 1.51
CA GLY B 66 -18.75 -22.49 0.49
C GLY B 66 -18.75 -21.66 -0.76
N PRO B 67 -18.99 -22.28 -1.91
CA PRO B 67 -19.09 -21.51 -3.16
C PRO B 67 -20.30 -20.58 -3.13
N PHE B 68 -20.23 -19.45 -3.84
CA PHE B 68 -21.33 -18.50 -3.87
C PHE B 68 -21.90 -18.32 -5.27
N ASP B 69 -23.16 -17.89 -5.32
CA ASP B 69 -23.85 -17.61 -6.59
C ASP B 69 -24.21 -16.14 -6.69
N LEU B 70 -24.60 -15.56 -5.56
CA LEU B 70 -24.99 -14.16 -5.51
C LEU B 70 -24.14 -13.39 -4.51
N VAL B 71 -23.50 -12.31 -4.96
CA VAL B 71 -22.70 -11.47 -4.08
C VAL B 71 -23.25 -10.04 -4.02
N TYR B 72 -23.79 -9.67 -2.87
CA TYR B 72 -24.48 -8.40 -2.73
C TYR B 72 -23.77 -7.47 -1.76
N GLY B 73 -23.58 -6.23 -2.18
CA GLY B 73 -22.97 -5.22 -1.34
C GLY B 73 -23.64 -3.87 -1.47
N ALA B 74 -23.78 -3.16 -0.35
CA ALA B 74 -24.46 -1.88 -0.38
C ALA B 74 -23.70 -0.85 0.41
N THR B 75 -23.90 0.43 0.09
CA THR B 75 -23.40 1.52 0.91
C THR B 75 -24.31 1.72 2.11
N PRO B 76 -23.84 2.46 3.12
CA PRO B 76 -24.74 2.83 4.21
C PRO B 76 -25.93 3.64 3.71
N PRO B 77 -27.01 3.68 4.50
CA PRO B 77 -28.20 4.49 4.19
C PRO B 77 -27.84 5.96 4.00
N LEU B 78 -28.70 6.70 3.31
CA LEU B 78 -28.47 8.11 3.04
C LEU B 78 -28.29 8.88 4.34
N GLY B 79 -27.16 9.57 4.46
CA GLY B 79 -26.84 10.27 5.70
C GLY B 79 -26.91 9.38 6.91
N HIS B 80 -26.23 8.25 6.87
CA HIS B 80 -26.11 7.39 8.05
C HIS B 80 -24.67 7.44 8.56
N THR B 81 -24.49 8.14 9.69
CA THR B 81 -23.22 8.24 10.39
C THR B 81 -22.06 8.58 9.45
N CYS B 82 -20.91 7.97 9.70
CA CYS B 82 -19.76 8.09 8.82
C CYS B 82 -19.16 6.71 8.55
N ASP B 83 -18.66 6.09 9.62
CA ASP B 83 -17.82 4.90 9.54
C ASP B 83 -16.60 5.23 8.68
N ARG B 84 -16.50 4.57 7.53
CA ARG B 84 -15.34 4.73 6.66
C ARG B 84 -15.79 5.47 5.41
N PRO B 85 -14.84 6.12 4.69
CA PRO B 85 -15.17 6.84 3.46
C PRO B 85 -15.91 5.96 2.46
N PRO B 86 -16.90 6.52 1.74
CA PRO B 86 -17.79 5.81 0.82
C PRO B 86 -17.06 4.80 -0.07
N SER B 87 -15.98 5.25 -0.72
CA SER B 87 -15.23 4.41 -1.65
C SER B 87 -14.76 3.09 -1.05
N TRP B 88 -14.55 3.05 0.27
CA TRP B 88 -14.11 1.82 0.91
C TRP B 88 -15.05 0.68 0.57
N TYR B 89 -16.36 0.93 0.68
CA TYR B 89 -17.36 -0.08 0.42
C TYR B 89 -17.21 -0.64 -0.99
N LEU B 90 -17.12 0.27 -1.96
CA LEU B 90 -16.92 -0.10 -3.34
C LEU B 90 -15.67 -0.98 -3.55
N PHE B 91 -14.51 -0.46 -3.15
CA PHE B 91 -13.24 -1.17 -3.35
C PHE B 91 -13.24 -2.54 -2.70
N GLN B 92 -13.57 -2.57 -1.42
CA GLN B 92 -13.63 -3.82 -0.68
C GLN B 92 -14.53 -4.82 -1.41
N PHE B 93 -15.74 -4.36 -1.75
CA PHE B 93 -16.70 -5.16 -2.51
C PHE B 93 -16.05 -5.79 -3.73
N HIS B 94 -15.29 -4.98 -4.46
CA HIS B 94 -14.62 -5.43 -5.67
C HIS B 94 -13.61 -6.54 -5.38
N ARG B 95 -12.81 -6.33 -4.34
CA ARG B 95 -11.79 -7.30 -3.96
C ARG B 95 -12.39 -8.66 -3.60
N LEU B 96 -13.33 -8.64 -2.66
CA LEU B 96 -14.01 -9.86 -2.24
C LEU B 96 -14.73 -10.53 -3.41
N LEU B 97 -15.26 -9.71 -4.33
CA LEU B 97 -15.97 -10.27 -5.49
C LEU B 97 -15.03 -10.98 -6.43
N GLN B 98 -13.79 -10.51 -6.53
CA GLN B 98 -12.79 -11.29 -7.26
C GLN B 98 -12.48 -12.56 -6.50
N TYR B 99 -12.56 -12.50 -5.18
CA TYR B 99 -12.35 -13.70 -4.36
C TYR B 99 -13.50 -14.70 -4.52
N ALA B 100 -14.64 -14.23 -5.01
CA ALA B 100 -15.86 -15.07 -5.03
C ALA B 100 -16.16 -15.70 -6.39
N ARG B 101 -15.64 -15.10 -7.46
CA ARG B 101 -15.86 -15.62 -8.80
C ARG B 101 -15.39 -17.07 -8.90
N PRO B 102 -16.06 -17.87 -9.73
CA PRO B 102 -15.62 -19.25 -10.00
C PRO B 102 -14.47 -19.30 -10.99
N LYS B 103 -13.68 -20.38 -10.93
CA LYS B 103 -12.57 -20.61 -11.85
C LYS B 103 -13.04 -20.53 -13.31
N PRO B 104 -12.19 -19.98 -14.20
CA PRO B 104 -12.55 -19.91 -15.62
C PRO B 104 -12.92 -21.26 -16.23
N GLY B 105 -12.27 -22.33 -15.76
CA GLY B 105 -12.50 -23.67 -16.27
C GLY B 105 -13.62 -24.43 -15.61
N SER B 106 -14.38 -23.74 -14.75
CA SER B 106 -15.54 -24.34 -14.09
C SER B 106 -16.72 -23.35 -14.03
N PRO B 107 -17.25 -22.97 -15.20
CA PRO B 107 -18.34 -21.98 -15.28
C PRO B 107 -19.62 -22.45 -14.60
N ARG B 108 -20.48 -21.50 -14.26
CA ARG B 108 -21.71 -21.75 -13.52
C ARG B 108 -22.44 -20.43 -13.34
N PRO B 109 -23.77 -20.46 -13.24
CA PRO B 109 -24.49 -19.21 -12.99
C PRO B 109 -23.95 -18.49 -11.76
N PHE B 110 -23.62 -17.22 -11.95
CA PHE B 110 -22.98 -16.39 -10.92
C PHE B 110 -23.36 -14.91 -11.08
N PHE B 111 -23.96 -14.33 -10.05
CA PHE B 111 -24.43 -12.95 -10.13
C PHE B 111 -23.95 -12.10 -8.96
N TRP B 112 -23.80 -10.82 -9.20
CA TRP B 112 -23.35 -9.89 -8.17
C TRP B 112 -24.06 -8.56 -8.29
N MET B 113 -24.21 -7.87 -7.17
CA MET B 113 -24.85 -6.57 -7.21
C MET B 113 -24.33 -5.64 -6.11
N PHE B 114 -23.84 -4.49 -6.54
CA PHE B 114 -23.48 -3.42 -5.62
C PHE B 114 -24.48 -2.30 -5.82
N VAL B 115 -24.95 -1.70 -4.73
CA VAL B 115 -25.98 -0.68 -4.84
C VAL B 115 -25.74 0.45 -3.85
N ASP B 116 -25.85 1.69 -4.34
CA ASP B 116 -25.55 2.89 -3.56
C ASP B 116 -26.83 3.67 -3.24
N ASN B 117 -26.95 4.21 -2.03
CA ASN B 117 -28.10 5.05 -1.70
C ASN B 117 -27.78 6.54 -1.72
N LEU B 118 -27.26 7.02 -2.84
CA LEU B 118 -26.86 8.42 -2.99
C LEU B 118 -25.77 8.82 -2.00
N VAL B 119 -24.93 7.86 -1.59
CA VAL B 119 -23.81 8.14 -0.68
C VAL B 119 -22.45 8.37 -1.37
N LEU B 120 -22.37 8.13 -2.68
CA LEU B 120 -21.08 8.25 -3.36
C LEU B 120 -20.89 9.61 -4.05
N ASN B 121 -19.66 10.12 -4.03
CA ASN B 121 -19.30 11.37 -4.69
C ASN B 121 -19.35 11.24 -6.20
N LYS B 122 -19.25 12.37 -6.90
CA LYS B 122 -19.23 12.32 -8.37
C LYS B 122 -18.01 11.53 -8.84
N GLU B 123 -16.86 11.80 -8.22
CA GLU B 123 -15.64 11.05 -8.54
C GLU B 123 -15.76 9.62 -8.03
N ASP B 124 -16.45 9.45 -6.90
CA ASP B 124 -16.66 8.11 -6.36
C ASP B 124 -17.56 7.31 -7.29
N LEU B 125 -18.59 7.93 -7.84
CA LEU B 125 -19.45 7.26 -8.81
C LEU B 125 -18.67 6.90 -10.06
N ASP B 126 -17.79 7.81 -10.50
CA ASP B 126 -16.94 7.48 -11.63
C ASP B 126 -16.08 6.25 -11.32
N VAL B 127 -15.55 6.19 -10.11
CA VAL B 127 -14.73 5.05 -9.70
C VAL B 127 -15.54 3.76 -9.68
N ALA B 128 -16.77 3.85 -9.18
CA ALA B 128 -17.68 2.71 -9.12
C ALA B 128 -17.96 2.17 -10.52
N SER B 129 -18.35 3.08 -11.40
CA SER B 129 -18.72 2.71 -12.76
C SER B 129 -17.52 2.27 -13.58
N ARG B 130 -16.31 2.61 -13.14
CA ARG B 130 -15.12 2.19 -13.86
C ARG B 130 -14.60 0.84 -13.36
N PHE B 131 -14.78 0.60 -12.06
CA PHE B 131 -14.24 -0.61 -11.44
C PHE B 131 -15.24 -1.77 -11.53
N LEU B 132 -16.48 -1.47 -11.88
CA LEU B 132 -17.52 -2.49 -12.01
C LEU B 132 -17.96 -2.63 -13.46
N GLU B 133 -17.46 -1.74 -14.31
CA GLU B 133 -17.59 -1.83 -15.76
C GLU B 133 -19.02 -1.68 -16.30
N MET B 134 -19.85 -0.91 -15.61
CA MET B 134 -21.11 -0.46 -16.19
C MET B 134 -21.59 0.81 -15.51
N GLU B 135 -22.40 1.59 -16.20
CA GLU B 135 -23.01 2.76 -15.56
C GLU B 135 -24.17 2.28 -14.71
N PRO B 136 -24.46 3.01 -13.61
CA PRO B 136 -25.49 2.61 -12.63
C PRO B 136 -26.92 2.79 -13.13
N VAL B 137 -27.78 1.82 -12.83
CA VAL B 137 -29.19 1.98 -13.11
C VAL B 137 -29.83 2.63 -11.90
N THR B 138 -30.49 3.77 -12.10
CA THR B 138 -30.97 4.54 -10.97
C THR B 138 -32.46 4.33 -10.72
N ILE B 139 -32.79 3.61 -9.65
CA ILE B 139 -34.17 3.25 -9.35
C ILE B 139 -34.79 4.15 -8.30
N PRO B 140 -35.66 5.08 -8.73
CA PRO B 140 -36.23 6.10 -7.86
C PRO B 140 -37.45 5.64 -7.09
N ASP B 141 -37.69 6.26 -5.94
CA ASP B 141 -38.98 6.18 -5.31
C ASP B 141 -39.65 7.53 -5.47
N VAL B 142 -40.70 7.56 -6.29
CA VAL B 142 -41.45 8.77 -6.52
C VAL B 142 -42.78 8.71 -5.80
N HIS B 143 -43.37 9.88 -5.59
CA HIS B 143 -44.66 9.97 -4.91
C HIS B 143 -45.27 11.35 -5.11
N GLY B 144 -46.48 11.38 -5.66
CA GLY B 144 -47.15 12.64 -5.94
C GLY B 144 -46.37 13.47 -6.93
N GLY B 145 -45.61 12.77 -7.77
CA GLY B 145 -44.74 13.46 -8.70
C GLY B 145 -43.66 14.16 -7.93
N SER B 146 -42.89 13.40 -7.18
CA SER B 146 -41.78 13.95 -6.43
C SER B 146 -40.79 12.86 -6.06
N LEU B 147 -39.53 13.13 -6.34
CA LEU B 147 -38.44 12.21 -6.07
C LEU B 147 -38.25 11.95 -4.58
N GLN B 148 -38.98 10.97 -4.03
CA GLN B 148 -38.92 10.71 -2.60
C GLN B 148 -37.58 10.13 -2.16
N ASN B 149 -37.10 9.11 -2.86
CA ASN B 149 -35.78 8.54 -2.58
C ASN B 149 -35.17 7.99 -3.87
N ALA B 150 -34.01 7.34 -3.76
CA ALA B 150 -33.34 6.81 -4.94
C ALA B 150 -32.19 5.88 -4.58
N VAL B 151 -32.04 4.78 -5.34
CA VAL B 151 -30.81 4.00 -5.27
C VAL B 151 -30.25 3.87 -6.65
N ARG B 152 -28.96 3.56 -6.73
CA ARG B 152 -28.37 3.27 -8.03
C ARG B 152 -27.65 1.92 -7.97
N VAL B 153 -27.83 1.13 -9.03
CA VAL B 153 -27.41 -0.26 -8.99
C VAL B 153 -26.41 -0.59 -10.09
N TRP B 154 -25.32 -1.25 -9.70
CA TRP B 154 -24.39 -1.88 -10.62
C TRP B 154 -24.59 -3.38 -10.44
N SER B 155 -24.90 -4.10 -11.52
CA SER B 155 -25.17 -5.52 -11.41
C SER B 155 -25.18 -6.23 -12.77
N ASN B 156 -24.96 -7.54 -12.74
CA ASN B 156 -25.01 -8.35 -13.94
C ASN B 156 -26.29 -9.20 -14.00
N ILE B 157 -27.06 -9.17 -12.92
CA ILE B 157 -28.36 -9.85 -12.86
C ILE B 157 -29.21 -9.44 -14.07
N PRO B 158 -29.74 -10.43 -14.80
CA PRO B 158 -30.26 -10.26 -16.17
C PRO B 158 -31.21 -9.08 -16.39
N ALA B 159 -32.21 -8.86 -15.54
CA ALA B 159 -33.00 -7.67 -15.75
C ALA B 159 -32.57 -6.60 -14.76
N ILE B 160 -31.82 -5.63 -15.26
CA ILE B 160 -31.37 -4.55 -14.39
C ILE B 160 -31.58 -3.22 -15.11
N ARG B 161 -31.01 -3.10 -16.31
CA ARG B 161 -31.19 -1.92 -17.16
C ARG B 161 -32.65 -1.76 -17.53
N SER B 162 -33.46 -2.75 -17.15
CA SER B 162 -34.89 -2.72 -17.39
C SER B 162 -35.62 -1.71 -16.51
N ARG B 163 -34.94 -1.06 -15.56
CA ARG B 163 -35.63 -0.04 -14.78
C ARG B 163 -35.00 1.34 -14.90
N HIS B 164 -34.03 1.64 -14.03
CA HIS B 164 -33.10 2.77 -14.22
C HIS B 164 -33.72 4.16 -14.38
N TRP B 165 -34.98 4.18 -14.77
CA TRP B 165 -35.71 5.38 -15.19
C TRP B 165 -34.91 6.29 -16.14
N ALA B 166 -35.30 7.56 -16.16
CA ALA B 166 -34.64 8.60 -16.93
C ALA B 166 -34.73 9.91 -16.19
N LEU B 167 -35.98 10.32 -16.03
CA LEU B 167 -36.40 11.65 -15.63
C LEU B 167 -35.71 12.17 -14.38
N VAL B 168 -35.29 11.24 -13.53
CA VAL B 168 -34.50 11.63 -12.39
C VAL B 168 -33.29 12.37 -12.91
N SER B 169 -33.18 13.62 -12.49
CA SER B 169 -32.18 14.50 -13.06
C SER B 169 -30.95 14.35 -12.18
N GLU B 170 -29.81 14.07 -12.81
CA GLU B 170 -28.56 13.88 -12.07
C GLU B 170 -28.38 15.01 -11.06
N GLU B 171 -28.68 16.23 -11.52
CA GLU B 171 -28.70 17.40 -10.68
C GLU B 171 -29.77 17.27 -9.59
N GLU B 172 -30.98 16.89 -9.99
CA GLU B 172 -32.09 16.74 -9.05
C GLU B 172 -31.87 15.56 -8.11
N LEU B 173 -31.13 14.57 -8.60
CA LEU B 173 -30.71 13.45 -7.77
C LEU B 173 -29.81 13.96 -6.66
N SER B 174 -28.77 14.69 -7.07
CA SER B 174 -27.78 15.22 -6.12
C SER B 174 -28.38 16.29 -5.23
N LEU B 175 -29.56 16.77 -5.59
CA LEU B 175 -30.32 17.71 -4.78
C LEU B 175 -31.14 16.96 -3.73
N LEU B 176 -31.68 15.82 -4.15
CA LEU B 176 -32.44 14.95 -3.27
C LEU B 176 -31.52 14.38 -2.20
N ALA B 177 -30.25 14.21 -2.56
CA ALA B 177 -29.25 13.79 -1.59
C ALA B 177 -29.12 14.84 -0.48
N GLN B 178 -29.12 16.11 -0.88
CA GLN B 178 -28.98 17.24 0.05
C GLN B 178 -30.19 17.40 0.96
N ASN B 179 -31.38 17.26 0.38
CA ASN B 179 -32.62 17.50 1.12
C ASN B 179 -32.78 16.60 2.35
N LYS B 180 -32.39 15.33 2.23
CA LYS B 180 -32.50 14.40 3.36
C LYS B 180 -31.14 14.20 4.03
N GLN B 181 -31.01 14.66 5.26
CA GLN B 181 -29.72 14.60 5.95
C GLN B 181 -29.72 13.81 7.26
N SER B 182 -30.29 14.40 8.32
CA SER B 182 -30.26 13.77 9.64
C SER B 182 -31.64 13.28 10.07
N SER B 183 -31.67 12.10 10.68
CA SER B 183 -32.91 11.45 11.07
C SER B 183 -32.80 10.87 12.47
N ALA B 187 -32.16 7.28 9.95
CA ALA B 187 -31.87 6.93 8.57
C ALA B 187 -32.07 5.42 8.33
N LYS B 188 -33.02 5.08 7.47
CA LYS B 188 -33.37 3.69 7.23
C LYS B 188 -33.11 3.28 5.78
N TRP B 189 -32.42 2.15 5.58
CA TRP B 189 -32.06 1.71 4.24
C TRP B 189 -33.28 1.36 3.40
N PRO B 190 -33.45 2.05 2.26
CA PRO B 190 -34.61 1.90 1.38
C PRO B 190 -34.53 0.65 0.51
N THR B 191 -34.84 -0.51 1.09
CA THR B 191 -34.63 -1.79 0.44
C THR B 191 -35.67 -2.14 -0.61
N LYS B 192 -36.86 -1.56 -0.48
CA LYS B 192 -37.94 -1.86 -1.40
C LYS B 192 -37.53 -1.56 -2.82
N LEU B 193 -36.64 -0.59 -3.00
CA LEU B 193 -36.22 -0.22 -4.34
C LEU B 193 -35.40 -1.34 -5.00
N VAL B 194 -34.55 -1.98 -4.22
CA VAL B 194 -33.63 -2.97 -4.75
C VAL B 194 -34.27 -4.36 -4.79
N LYS B 195 -35.33 -4.56 -4.02
CA LYS B 195 -35.96 -5.88 -3.86
C LYS B 195 -36.34 -6.55 -5.17
N ASN B 196 -36.90 -5.78 -6.09
CA ASN B 196 -37.47 -6.36 -7.29
C ASN B 196 -36.44 -6.77 -8.34
N CYS B 197 -35.21 -6.29 -8.16
CA CYS B 197 -34.18 -6.55 -9.16
C CYS B 197 -33.87 -8.03 -9.23
N PHE B 198 -33.99 -8.72 -8.09
CA PHE B 198 -33.59 -10.12 -7.95
C PHE B 198 -34.50 -11.11 -8.64
N LEU B 199 -35.60 -10.61 -9.19
CA LEU B 199 -36.63 -11.48 -9.74
C LEU B 199 -36.14 -12.42 -10.84
N PRO B 200 -35.38 -11.90 -11.84
CA PRO B 200 -34.95 -12.86 -12.88
C PRO B 200 -33.91 -13.87 -12.39
N LEU B 201 -33.66 -13.94 -11.09
CA LEU B 201 -32.74 -14.93 -10.56
C LEU B 201 -33.49 -16.21 -10.23
N ARG B 202 -34.82 -16.18 -10.31
CA ARG B 202 -35.63 -17.36 -10.01
C ARG B 202 -35.61 -18.35 -11.17
N GLU B 203 -34.81 -18.04 -12.18
CA GLU B 203 -34.64 -18.93 -13.32
C GLU B 203 -33.49 -19.92 -13.11
N TYR B 204 -32.85 -19.83 -11.95
CA TYR B 204 -31.67 -20.64 -11.70
C TYR B 204 -31.64 -21.30 -10.32
N PHE B 205 -32.59 -20.94 -9.46
CA PHE B 205 -32.59 -21.44 -8.08
C PHE B 205 -34.01 -21.76 -7.60
N LYS B 206 -34.14 -22.69 -6.66
CA LYS B 206 -35.46 -23.17 -6.21
C LYS B 206 -36.26 -22.08 -5.47
N TYR B 207 -37.59 -22.21 -5.51
CA TYR B 207 -38.48 -21.21 -4.94
C TYR B 207 -39.13 -21.68 -3.64
N PHE B 208 -38.67 -21.09 -2.53
CA PHE B 208 -39.15 -21.29 -1.14
C PHE B 208 -37.96 -21.19 -0.21
ZN ZN C . 12.16 7.89 24.48
ZN ZN D . 5.23 0.12 30.03
ZN ZN E . 23.28 1.74 16.53
N SAH F . 8.41 5.63 -9.35
CA SAH F . 8.27 6.52 -10.50
CB SAH F . 7.33 7.68 -10.16
CG SAH F . 6.59 7.53 -8.83
SD SAH F . 5.92 9.08 -8.17
C SAH F . 9.63 6.99 -11.03
O SAH F . 9.86 8.18 -11.29
OXT SAH F . 10.54 6.19 -11.23
C5' SAH F . 4.30 8.85 -8.94
C4' SAH F . 4.19 9.34 -10.38
O4' SAH F . 2.88 9.11 -10.84
C3' SAH F . 4.45 10.82 -10.57
O3' SAH F . 5.55 11.00 -11.43
C2' SAH F . 3.19 11.39 -11.20
O2' SAH F . 3.50 12.20 -12.31
C1' SAH F . 2.41 10.16 -11.65
N9 SAH F . 0.95 10.31 -11.51
C8 SAH F . 0.29 11.06 -10.56
N7 SAH F . -1.05 10.92 -10.77
C5 SAH F . -1.26 10.09 -11.81
C6 SAH F . -2.40 9.62 -12.42
N6 SAH F . -3.60 10.00 -11.96
N1 SAH F . -2.32 8.76 -13.50
C2 SAH F . -1.08 8.37 -13.95
N3 SAH F . 0.07 8.85 -13.35
C4 SAH F . 0.00 9.69 -12.29
#